data_3HQ2
#
_entry.id   3HQ2
#
_cell.length_a   88.957
_cell.length_b   149.002
_cell.length_c   217.840
_cell.angle_alpha   90.00
_cell.angle_beta   90.00
_cell.angle_gamma   90.00
#
_symmetry.space_group_name_H-M   'I 2 2 2'
#
loop_
_entity.id
_entity.type
_entity.pdbx_description
1 polymer 'Bacillus subtilis M32 carboxypeptidase'
2 non-polymer 'ZINC ION'
3 non-polymer 'PHOSPHATE ION'
4 non-polymer 'CHLORIDE ION'
5 non-polymer 'FLUORIDE ION'
6 water water
#
_entity_poly.entity_id   1
_entity_poly.type   'polypeptide(L)'
_entity_poly.pdbx_seq_one_letter_code
;MEIHTYEKEFFDLLKRISHYSEAVALMHWDSRTGAPKNGSEDRAESIGQLSTDIFNIQTSDRMKELIDVLYERFDDLSED
TKKAVELAKKEYEENKKIPEAEYKEYVILCSKAETAWEEAKGKSDFSLFSPYLEQLIEFNKRFITYWGYQEHPYDALLDL
FEPGVTVKVLDQLFAELKEAIIPLVKQVTASGNKPDTSFITKAFPKEKQKELSLYFLQELGYDFDGGRLDETVHPFATTL
NRGDVRVTTRYDEKDFRTAIFGTIHECGHAIYEQNIDEALSGTNLSDGASMGIHESQSLFYENFIGRNKHFWTPYYKKIQ
EASPVQFKDISLDDFVRAINESKPSFIRVEADELTYPLHIIIRYEIEKAIFSNEVSVEDLPSLWNQKYQDYLGITPQTDA
EGILQDVHWAGGDFGYFPSYALGYMYAAQLKQKMLEDLPEFDALLERGEFHPIKQWLTEKVHIHGKRKKPLDIIKDATGE
ELNVRYLIDYLSNKYSNLYLL
;
_entity_poly.pdbx_strand_id   A,B
#
# COMPACT_ATOMS: atom_id res chain seq x y z
N THR A 5 -1.46 29.08 23.67
CA THR A 5 -0.71 28.59 22.48
C THR A 5 0.09 27.32 22.80
N TYR A 6 0.35 27.07 24.08
CA TYR A 6 1.10 25.87 24.45
C TYR A 6 0.28 24.62 24.14
N GLU A 7 -0.96 24.59 24.59
CA GLU A 7 -1.82 23.45 24.38
C GLU A 7 -1.99 23.16 22.88
N LYS A 8 -2.00 24.23 22.08
CA LYS A 8 -2.16 24.07 20.64
C LYS A 8 -0.91 23.44 20.02
N GLU A 9 0.24 23.97 20.38
CA GLU A 9 1.51 23.47 19.88
C GLU A 9 1.68 22.02 20.27
N PHE A 10 1.11 21.66 21.42
CA PHE A 10 1.21 20.29 21.92
C PHE A 10 0.44 19.35 21.02
N PHE A 11 -0.85 19.62 20.84
CA PHE A 11 -1.68 18.77 19.99
C PHE A 11 -1.19 18.76 18.53
N ASP A 12 -0.46 19.81 18.16
CA ASP A 12 0.07 19.94 16.80
C ASP A 12 1.21 18.93 16.58
N LEU A 13 1.92 18.63 17.67
CA LEU A 13 2.99 17.64 17.63
C LEU A 13 2.34 16.26 17.55
N LEU A 14 1.23 16.07 18.27
CA LEU A 14 0.54 14.80 18.24
C LEU A 14 -0.04 14.52 16.87
N LYS A 15 -0.59 15.55 16.22
CA LYS A 15 -1.17 15.35 14.90
C LYS A 15 -0.05 15.07 13.91
N ARG A 16 1.12 15.64 14.20
CA ARG A 16 2.28 15.44 13.34
C ARG A 16 2.70 13.99 13.46
N ILE A 17 2.52 13.41 14.65
CA ILE A 17 2.87 12.01 14.88
C ILE A 17 1.84 11.13 14.19
N SER A 18 0.59 11.56 14.25
CA SER A 18 -0.51 10.81 13.65
C SER A 18 -0.31 10.56 12.16
N HIS A 19 0.28 11.52 11.45
CA HIS A 19 0.50 11.34 10.02
C HIS A 19 1.67 10.40 9.74
N TYR A 20 2.59 10.30 10.69
CA TYR A 20 3.74 9.41 10.55
C TYR A 20 3.28 8.00 10.81
N SER A 21 2.28 7.87 11.67
CA SER A 21 1.72 6.57 12.00
C SER A 21 1.00 5.97 10.80
N GLU A 22 0.27 6.80 10.07
CA GLU A 22 -0.42 6.32 8.89
C GLU A 22 0.62 5.76 7.95
N ALA A 23 1.63 6.56 7.68
CA ALA A 23 2.70 6.15 6.80
C ALA A 23 3.25 4.81 7.28
N VAL A 24 3.55 4.70 8.57
CA VAL A 24 4.10 3.45 9.08
C VAL A 24 3.12 2.30 8.94
N ALA A 25 1.89 2.52 9.36
CA ALA A 25 0.86 1.50 9.28
C ALA A 25 0.74 0.97 7.87
N LEU A 26 0.64 1.90 6.91
CA LEU A 26 0.55 1.54 5.50
C LEU A 26 1.74 0.71 5.04
N MET A 27 2.95 1.16 5.37
CA MET A 27 4.14 0.41 4.97
C MET A 27 4.09 -1.00 5.56
N HIS A 28 3.53 -1.13 6.76
CA HIS A 28 3.43 -2.44 7.35
C HIS A 28 2.38 -3.25 6.58
N TRP A 29 1.16 -2.71 6.49
CA TRP A 29 0.08 -3.40 5.77
C TRP A 29 0.52 -3.81 4.35
N ASP A 30 1.19 -2.89 3.65
CA ASP A 30 1.62 -3.16 2.30
C ASP A 30 2.60 -4.35 2.23
N SER A 31 3.48 -4.44 3.22
CA SER A 31 4.45 -5.52 3.24
C SER A 31 3.80 -6.87 3.50
N ARG A 32 2.54 -6.86 3.91
CA ARG A 32 1.84 -8.10 4.19
C ARG A 32 0.81 -8.43 3.12
N THR A 33 0.71 -7.57 2.12
CA THR A 33 -0.26 -7.75 1.07
C THR A 33 0.26 -7.61 -0.36
N GLY A 34 1.53 -7.90 -0.59
CA GLY A 34 2.02 -7.80 -1.95
C GLY A 34 3.40 -7.21 -2.19
N ALA A 35 3.82 -6.23 -1.39
CA ALA A 35 5.12 -5.61 -1.58
C ALA A 35 6.17 -6.58 -2.13
N PRO A 36 6.91 -6.18 -3.18
CA PRO A 36 7.95 -6.98 -3.82
C PRO A 36 9.07 -7.33 -2.83
N LYS A 37 9.55 -8.56 -2.90
CA LYS A 37 10.61 -9.00 -1.99
C LYS A 37 11.95 -8.30 -2.17
N ASN A 38 12.14 -7.58 -3.26
CA ASN A 38 13.42 -6.91 -3.47
C ASN A 38 13.48 -5.52 -2.87
N GLY A 39 12.35 -5.01 -2.44
CA GLY A 39 12.32 -3.68 -1.84
C GLY A 39 12.23 -3.92 -0.36
N SER A 40 12.39 -5.18 -0.01
CA SER A 40 12.33 -5.64 1.37
C SER A 40 13.24 -4.86 2.32
N GLU A 41 14.52 -4.78 1.97
CA GLU A 41 15.50 -4.08 2.81
C GLU A 41 15.22 -2.60 3.02
N ASP A 42 15.01 -1.87 1.93
CA ASP A 42 14.75 -0.44 2.04
C ASP A 42 13.42 -0.18 2.72
N ARG A 43 12.48 -1.11 2.55
CA ARG A 43 11.18 -0.96 3.19
C ARG A 43 11.42 -0.94 4.70
N ALA A 44 12.26 -1.85 5.19
CA ALA A 44 12.56 -1.91 6.61
C ALA A 44 13.13 -0.58 7.09
N GLU A 45 14.04 -0.02 6.31
CA GLU A 45 14.67 1.25 6.64
C GLU A 45 13.66 2.39 6.75
N SER A 46 12.73 2.48 5.80
CA SER A 46 11.74 3.54 5.80
C SER A 46 10.82 3.45 7.01
N ILE A 47 10.45 2.23 7.40
CA ILE A 47 9.61 2.03 8.56
C ILE A 47 10.44 2.51 9.76
N GLY A 48 11.71 2.14 9.76
CA GLY A 48 12.59 2.54 10.84
C GLY A 48 12.72 4.05 10.94
N GLN A 49 12.94 4.72 9.81
CA GLN A 49 13.07 6.16 9.82
C GLN A 49 11.79 6.80 10.30
N LEU A 50 10.68 6.40 9.71
CA LEU A 50 9.40 6.94 10.10
C LEU A 50 9.01 6.63 11.54
N SER A 51 9.39 5.44 12.02
CA SER A 51 9.09 5.06 13.39
C SER A 51 9.94 5.89 14.35
N THR A 52 11.21 6.07 14.00
CA THR A 52 12.12 6.84 14.83
C THR A 52 11.73 8.31 14.73
N ASP A 53 11.06 8.66 13.65
CA ASP A 53 10.63 10.05 13.50
C ASP A 53 9.56 10.36 14.54
N ILE A 54 8.74 9.35 14.85
CA ILE A 54 7.66 9.49 15.82
C ILE A 54 8.24 9.48 17.21
N PHE A 55 9.25 8.62 17.39
CA PHE A 55 9.94 8.47 18.65
C PHE A 55 10.57 9.80 19.06
N ASN A 56 11.26 10.43 18.11
CA ASN A 56 11.92 11.69 18.36
C ASN A 56 11.01 12.83 18.75
N ILE A 57 9.76 12.80 18.29
CA ILE A 57 8.85 13.87 18.66
C ILE A 57 8.40 13.63 20.08
N GLN A 58 8.29 12.36 20.45
CA GLN A 58 7.86 12.01 21.78
C GLN A 58 8.98 12.16 22.81
N THR A 59 10.22 12.16 22.35
CA THR A 59 11.37 12.27 23.23
C THR A 59 12.08 13.62 23.13
N SER A 60 11.62 14.48 22.22
CA SER A 60 12.23 15.79 22.02
C SER A 60 12.20 16.66 23.28
N ASP A 61 13.15 17.59 23.38
CA ASP A 61 13.19 18.45 24.55
C ASP A 61 12.03 19.43 24.58
N ARG A 62 11.59 19.89 23.41
CA ARG A 62 10.47 20.82 23.35
C ARG A 62 9.19 20.13 23.81
N MET A 63 9.04 18.85 23.49
CA MET A 63 7.86 18.11 23.90
C MET A 63 7.83 18.07 25.42
N LYS A 64 8.98 17.75 26.02
CA LYS A 64 9.09 17.69 27.46
C LYS A 64 8.76 19.05 28.10
N GLU A 65 9.17 20.13 27.44
CA GLU A 65 8.88 21.47 27.96
C GLU A 65 7.38 21.67 27.95
N LEU A 66 6.75 21.42 26.81
CA LEU A 66 5.30 21.57 26.67
C LEU A 66 4.58 20.71 27.71
N ILE A 67 5.11 19.51 27.95
CA ILE A 67 4.55 18.59 28.93
C ILE A 67 4.45 19.24 30.30
N ASP A 68 5.59 19.74 30.78
CA ASP A 68 5.67 20.38 32.10
C ASP A 68 4.82 21.64 32.23
N VAL A 69 4.87 22.51 31.23
CA VAL A 69 4.11 23.75 31.25
C VAL A 69 2.60 23.50 31.32
N LEU A 70 2.16 22.39 30.76
CA LEU A 70 0.74 22.07 30.79
C LEU A 70 0.35 21.41 32.11
N TYR A 71 1.32 20.80 32.78
CA TYR A 71 1.05 20.16 34.05
C TYR A 71 0.86 21.23 35.12
N GLU A 72 1.74 22.23 35.14
CA GLU A 72 1.61 23.31 36.11
C GLU A 72 0.20 23.83 35.91
N ARG A 73 -0.11 24.20 34.67
CA ARG A 73 -1.41 24.74 34.30
C ARG A 73 -2.51 23.67 34.25
N PHE A 74 -2.25 22.51 34.84
CA PHE A 74 -3.20 21.39 34.83
C PHE A 74 -4.70 21.68 35.01
N ASP A 75 -5.10 22.05 36.22
CA ASP A 75 -6.50 22.31 36.52
C ASP A 75 -7.31 23.09 35.49
N ASP A 76 -6.64 23.80 34.59
CA ASP A 76 -7.36 24.57 33.57
C ASP A 76 -7.50 23.84 32.25
N LEU A 77 -6.85 22.69 32.15
CA LEU A 77 -6.92 21.91 30.93
C LEU A 77 -8.19 21.08 30.92
N SER A 78 -8.65 20.74 29.72
CA SER A 78 -9.85 19.94 29.58
C SER A 78 -9.56 18.49 29.94
N GLU A 79 -10.60 17.71 30.12
CA GLU A 79 -10.45 16.31 30.44
C GLU A 79 -9.58 15.62 29.41
N ASP A 80 -9.89 15.86 28.13
CA ASP A 80 -9.12 15.25 27.05
C ASP A 80 -7.66 15.68 27.15
N THR A 81 -7.43 17.00 27.16
CA THR A 81 -6.07 17.51 27.24
C THR A 81 -5.33 16.93 28.45
N LYS A 82 -5.98 16.88 29.61
CA LYS A 82 -5.32 16.31 30.79
C LYS A 82 -4.77 14.92 30.46
N LYS A 83 -5.66 14.04 30.01
CA LYS A 83 -5.30 12.66 29.67
C LYS A 83 -4.32 12.61 28.53
N ALA A 84 -4.43 13.54 27.59
CA ALA A 84 -3.51 13.56 26.47
C ALA A 84 -2.09 13.78 26.98
N VAL A 85 -1.94 14.70 27.92
CA VAL A 85 -0.65 15.02 28.50
C VAL A 85 -0.12 13.91 29.42
N GLU A 86 -1.02 13.26 30.16
CA GLU A 86 -0.60 12.19 31.04
C GLU A 86 0.01 11.07 30.21
N LEU A 87 -0.56 10.86 29.04
CA LEU A 87 -0.11 9.83 28.13
C LEU A 87 1.20 10.24 27.48
N ALA A 88 1.29 11.51 27.12
CA ALA A 88 2.49 12.06 26.50
C ALA A 88 3.66 11.98 27.47
N LYS A 89 3.36 12.23 28.75
CA LYS A 89 4.37 12.19 29.79
C LYS A 89 4.82 10.76 30.04
N LYS A 90 3.90 9.82 29.96
CA LYS A 90 4.26 8.41 30.18
C LYS A 90 5.19 7.93 29.08
N GLU A 91 4.84 8.23 27.84
CA GLU A 91 5.65 7.83 26.71
C GLU A 91 6.97 8.59 26.67
N TYR A 92 6.96 9.84 27.14
CA TYR A 92 8.21 10.59 27.16
C TYR A 92 9.16 9.91 28.14
N GLU A 93 8.68 9.69 29.35
CA GLU A 93 9.47 9.06 30.39
C GLU A 93 9.90 7.65 30.00
N GLU A 94 9.00 6.92 29.37
CA GLU A 94 9.30 5.56 28.96
C GLU A 94 10.32 5.49 27.83
N ASN A 95 10.06 6.20 26.73
CA ASN A 95 10.98 6.18 25.59
C ASN A 95 12.32 6.85 25.86
N LYS A 96 12.32 7.82 26.77
CA LYS A 96 13.55 8.54 27.09
C LYS A 96 14.60 7.57 27.66
N LYS A 97 14.15 6.44 28.17
CA LYS A 97 15.07 5.45 28.73
C LYS A 97 15.74 4.63 27.64
N ILE A 98 15.29 4.78 26.41
CA ILE A 98 15.87 4.01 25.31
C ILE A 98 16.66 4.87 24.35
N PRO A 99 17.90 4.45 24.06
CA PRO A 99 18.82 5.16 23.15
C PRO A 99 18.22 5.17 21.75
N GLU A 100 18.03 6.36 21.20
CA GLU A 100 17.47 6.48 19.87
C GLU A 100 18.10 5.54 18.84
N ALA A 101 19.41 5.63 18.67
CA ALA A 101 20.07 4.76 17.71
C ALA A 101 19.59 3.32 17.86
N GLU A 102 19.30 2.92 19.10
CA GLU A 102 18.85 1.54 19.35
C GLU A 102 17.40 1.25 18.98
N TYR A 103 16.51 2.20 19.22
CA TYR A 103 15.10 2.00 18.87
C TYR A 103 15.02 1.92 17.34
N LYS A 104 15.81 2.73 16.66
CA LYS A 104 15.82 2.76 15.22
C LYS A 104 16.26 1.42 14.63
N GLU A 105 17.39 0.89 15.09
CA GLU A 105 17.84 -0.39 14.55
C GLU A 105 16.91 -1.52 15.00
N TYR A 106 16.21 -1.31 16.11
CA TYR A 106 15.28 -2.31 16.59
C TYR A 106 14.06 -2.33 15.67
N VAL A 107 13.54 -1.16 15.32
CA VAL A 107 12.39 -1.11 14.44
C VAL A 107 12.74 -1.76 13.09
N ILE A 108 13.92 -1.45 12.57
CA ILE A 108 14.37 -2.00 11.29
C ILE A 108 14.49 -3.51 11.39
N LEU A 109 14.92 -3.99 12.55
CA LEU A 109 15.06 -5.43 12.75
C LEU A 109 13.71 -6.14 12.72
N CYS A 110 12.69 -5.53 13.31
CA CYS A 110 11.36 -6.14 13.33
C CYS A 110 10.78 -6.24 11.94
N SER A 111 11.01 -5.19 11.15
CA SER A 111 10.51 -5.14 9.78
C SER A 111 11.16 -6.22 8.94
N LYS A 112 12.48 -6.36 9.07
CA LYS A 112 13.23 -7.38 8.33
C LYS A 112 12.93 -8.76 8.88
N ALA A 113 12.80 -8.86 10.20
CA ALA A 113 12.54 -10.12 10.85
C ALA A 113 11.17 -10.69 10.50
N GLU A 114 10.18 -9.82 10.38
CA GLU A 114 8.85 -10.28 10.04
C GLU A 114 8.83 -10.79 8.60
N THR A 115 9.62 -10.16 7.74
CA THR A 115 9.69 -10.59 6.36
C THR A 115 10.31 -11.97 6.35
N ALA A 116 11.44 -12.12 7.03
CA ALA A 116 12.12 -13.41 7.12
C ALA A 116 11.23 -14.47 7.76
N TRP A 117 10.34 -14.03 8.64
CA TRP A 117 9.44 -14.93 9.33
C TRP A 117 8.37 -15.52 8.43
N GLU A 118 7.76 -14.69 7.57
CA GLU A 118 6.74 -15.19 6.68
C GLU A 118 7.31 -16.33 5.84
N GLU A 119 8.54 -16.17 5.38
CA GLU A 119 9.19 -17.19 4.56
C GLU A 119 9.52 -18.46 5.35
N ALA A 120 10.03 -18.28 6.55
CA ALA A 120 10.39 -19.40 7.41
C ALA A 120 9.17 -20.29 7.67
N LYS A 121 8.05 -19.65 8.01
CA LYS A 121 6.82 -20.38 8.27
C LYS A 121 6.41 -21.10 7.00
N GLY A 122 6.49 -20.39 5.87
CA GLY A 122 6.12 -20.98 4.58
C GLY A 122 6.93 -22.20 4.20
N LYS A 123 8.22 -22.18 4.51
CA LYS A 123 9.09 -23.31 4.21
C LYS A 123 9.26 -24.20 5.42
N SER A 124 8.49 -23.92 6.47
CA SER A 124 8.54 -24.68 7.72
C SER A 124 9.96 -24.91 8.20
N ASP A 125 10.78 -23.86 8.12
CA ASP A 125 12.17 -23.97 8.53
C ASP A 125 12.56 -22.96 9.61
N PHE A 126 12.72 -23.44 10.83
CA PHE A 126 13.08 -22.59 11.97
C PHE A 126 14.44 -21.94 11.83
N SER A 127 15.39 -22.66 11.23
CA SER A 127 16.75 -22.16 11.08
C SER A 127 16.82 -20.81 10.37
N LEU A 128 15.87 -20.57 9.47
CA LEU A 128 15.83 -19.33 8.72
C LEU A 128 15.43 -18.14 9.57
N PHE A 129 14.52 -18.38 10.52
CA PHE A 129 14.01 -17.34 11.41
C PHE A 129 14.83 -17.21 12.69
N SER A 130 15.59 -18.26 13.01
CA SER A 130 16.37 -18.25 14.23
C SER A 130 17.36 -17.09 14.41
N PRO A 131 18.11 -16.73 13.36
CA PRO A 131 19.08 -15.63 13.49
C PRO A 131 18.43 -14.31 13.92
N TYR A 132 17.14 -14.16 13.58
CA TYR A 132 16.42 -12.95 13.92
C TYR A 132 15.86 -13.03 15.33
N LEU A 133 15.18 -14.14 15.61
CA LEU A 133 14.58 -14.34 16.92
C LEU A 133 15.62 -14.19 18.02
N GLU A 134 16.88 -14.33 17.62
CA GLU A 134 18.02 -14.21 18.54
C GLU A 134 18.26 -12.74 18.86
N GLN A 135 18.19 -11.91 17.83
CA GLN A 135 18.41 -10.48 17.98
C GLN A 135 17.21 -9.80 18.65
N LEU A 136 16.01 -10.16 18.23
CA LEU A 136 14.80 -9.58 18.81
C LEU A 136 14.84 -9.78 20.33
N ILE A 137 14.99 -11.03 20.77
CA ILE A 137 15.05 -11.36 22.19
C ILE A 137 16.15 -10.55 22.89
N GLU A 138 17.31 -10.47 22.26
CA GLU A 138 18.42 -9.74 22.83
C GLU A 138 18.07 -8.28 23.10
N PHE A 139 17.57 -7.59 22.07
CA PHE A 139 17.18 -6.17 22.21
C PHE A 139 16.26 -5.96 23.40
N ASN A 140 15.22 -6.76 23.45
CA ASN A 140 14.19 -6.69 24.49
C ASN A 140 14.74 -7.03 25.92
N LYS A 141 15.63 -8.00 26.04
CA LYS A 141 16.18 -8.30 27.36
C LYS A 141 16.85 -6.99 27.76
N ARG A 142 17.57 -6.40 26.80
CA ARG A 142 18.26 -5.14 27.01
C ARG A 142 17.29 -3.99 27.29
N PHE A 143 16.09 -4.04 26.71
CA PHE A 143 15.07 -3.00 26.93
C PHE A 143 14.49 -3.10 28.34
N ILE A 144 14.36 -4.32 28.82
CA ILE A 144 13.86 -4.55 30.16
C ILE A 144 14.84 -3.82 31.09
N THR A 145 16.12 -3.93 30.77
CA THR A 145 17.16 -3.28 31.55
C THR A 145 16.95 -1.78 31.59
N TYR A 146 16.78 -1.18 30.41
CA TYR A 146 16.58 0.26 30.32
C TYR A 146 15.34 0.72 31.09
N TRP A 147 14.18 0.12 30.79
CA TRP A 147 12.94 0.49 31.46
C TRP A 147 12.95 0.17 32.95
N GLY A 148 13.47 -1.00 33.28
CA GLY A 148 13.53 -1.43 34.68
C GLY A 148 12.28 -2.16 35.10
N TYR A 149 12.36 -2.86 36.23
CA TYR A 149 11.23 -3.61 36.75
C TYR A 149 11.35 -3.78 38.25
N GLN A 150 10.33 -4.37 38.86
CA GLN A 150 10.31 -4.61 40.30
C GLN A 150 10.50 -6.08 40.65
N GLU A 151 9.46 -6.88 40.39
CA GLU A 151 9.47 -8.29 40.68
C GLU A 151 10.16 -9.15 39.62
N HIS A 152 9.43 -9.45 38.54
CA HIS A 152 9.96 -10.25 37.45
C HIS A 152 10.42 -9.38 36.29
N PRO A 153 11.53 -9.75 35.63
CA PRO A 153 11.99 -8.93 34.52
C PRO A 153 10.95 -8.85 33.40
N TYR A 154 10.17 -9.92 33.22
CA TYR A 154 9.12 -9.97 32.21
C TYR A 154 8.00 -8.98 32.50
N ASP A 155 7.99 -8.45 33.72
CA ASP A 155 6.96 -7.50 34.10
C ASP A 155 7.08 -6.20 33.29
N ALA A 156 8.30 -5.86 32.91
CA ALA A 156 8.56 -4.65 32.13
C ALA A 156 7.93 -4.72 30.73
N LEU A 157 7.90 -5.94 30.16
CA LEU A 157 7.32 -6.14 28.84
C LEU A 157 5.81 -6.26 28.92
N LEU A 158 5.33 -6.91 29.99
CA LEU A 158 3.90 -7.09 30.18
C LEU A 158 3.25 -5.73 30.41
N ASP A 159 4.01 -4.81 30.97
CA ASP A 159 3.52 -3.46 31.24
C ASP A 159 3.34 -2.65 29.96
N LEU A 160 4.03 -3.04 28.89
CA LEU A 160 3.94 -2.34 27.61
C LEU A 160 2.55 -2.45 27.00
N PHE A 161 1.86 -3.55 27.32
CA PHE A 161 0.53 -3.78 26.79
C PHE A 161 -0.58 -3.69 27.81
N GLU A 162 -0.35 -4.24 28.99
CA GLU A 162 -1.37 -4.20 30.03
C GLU A 162 -0.86 -3.57 31.30
N PRO A 163 -0.69 -2.23 31.29
CA PRO A 163 -0.21 -1.53 32.47
C PRO A 163 -0.95 -2.02 33.72
N GLY A 164 -0.20 -2.51 34.70
CA GLY A 164 -0.81 -3.02 35.91
C GLY A 164 -0.77 -4.53 36.02
N VAL A 165 -0.44 -5.20 34.92
CA VAL A 165 -0.38 -6.66 34.91
C VAL A 165 1.05 -7.18 35.07
N THR A 166 1.22 -8.11 36.00
CA THR A 166 2.52 -8.67 36.30
C THR A 166 2.49 -10.18 36.37
N VAL A 167 3.66 -10.76 36.56
CA VAL A 167 3.82 -12.20 36.66
C VAL A 167 3.05 -12.74 37.86
N LYS A 168 3.12 -12.03 38.97
CA LYS A 168 2.40 -12.45 40.16
C LYS A 168 0.92 -12.58 39.82
N VAL A 169 0.37 -11.51 39.25
CA VAL A 169 -1.04 -11.44 38.84
C VAL A 169 -1.45 -12.53 37.86
N LEU A 170 -0.70 -12.68 36.78
CA LEU A 170 -1.02 -13.68 35.76
C LEU A 170 -0.86 -15.15 36.22
N ASP A 171 0.17 -15.43 37.01
CA ASP A 171 0.36 -16.80 37.49
C ASP A 171 -0.89 -17.29 38.19
N GLN A 172 -1.37 -16.50 39.14
CA GLN A 172 -2.56 -16.83 39.91
C GLN A 172 -3.74 -16.94 38.96
N LEU A 173 -3.85 -15.92 38.13
CA LEU A 173 -4.91 -15.80 37.14
C LEU A 173 -5.00 -16.99 36.19
N PHE A 174 -3.85 -17.44 35.68
CA PHE A 174 -3.84 -18.56 34.75
C PHE A 174 -4.00 -19.86 35.51
N ALA A 175 -3.51 -19.86 36.75
CA ALA A 175 -3.60 -21.03 37.61
C ALA A 175 -5.04 -21.50 37.68
N GLU A 176 -5.95 -20.57 37.92
CA GLU A 176 -7.36 -20.89 38.01
C GLU A 176 -7.87 -21.41 36.68
N LEU A 177 -7.31 -20.89 35.58
CA LEU A 177 -7.74 -21.34 34.27
C LEU A 177 -7.37 -22.79 34.01
N LYS A 178 -6.09 -23.12 34.14
CA LYS A 178 -5.66 -24.49 33.93
C LYS A 178 -6.56 -25.43 34.68
N GLU A 179 -6.75 -25.13 35.97
CA GLU A 179 -7.58 -25.93 36.85
C GLU A 179 -9.00 -26.14 36.36
N ALA A 180 -9.59 -25.14 35.72
CA ALA A 180 -10.95 -25.25 35.21
C ALA A 180 -11.02 -25.88 33.82
N ILE A 181 -10.05 -25.55 32.96
CA ILE A 181 -10.03 -26.07 31.60
C ILE A 181 -9.54 -27.51 31.50
N ILE A 182 -8.30 -27.75 31.89
CA ILE A 182 -7.70 -29.07 31.80
C ILE A 182 -8.62 -30.24 32.15
N PRO A 183 -9.31 -30.18 33.28
CA PRO A 183 -10.19 -31.30 33.61
C PRO A 183 -11.40 -31.31 32.71
N LEU A 184 -11.87 -30.10 32.37
CA LEU A 184 -13.04 -29.93 31.53
C LEU A 184 -12.79 -30.46 30.12
N VAL A 185 -11.54 -30.41 29.65
CA VAL A 185 -11.22 -30.91 28.32
C VAL A 185 -11.15 -32.42 28.36
N LYS A 186 -10.51 -32.95 29.40
CA LYS A 186 -10.40 -34.40 29.57
C LYS A 186 -11.79 -35.00 29.32
N GLN A 187 -12.78 -34.42 30.00
CA GLN A 187 -14.16 -34.86 29.87
C GLN A 187 -14.62 -34.83 28.41
N VAL A 188 -14.46 -33.68 27.77
CA VAL A 188 -14.87 -33.52 26.38
C VAL A 188 -14.10 -34.47 25.47
N THR A 189 -12.84 -34.74 25.79
CA THR A 189 -12.04 -35.65 24.99
C THR A 189 -12.39 -37.08 25.36
N ALA A 190 -13.16 -37.22 26.44
CA ALA A 190 -13.58 -38.53 26.90
C ALA A 190 -15.10 -38.65 26.94
N SER A 191 -15.72 -38.78 25.77
CA SER A 191 -17.16 -38.92 25.68
C SER A 191 -17.54 -39.37 24.28
N GLY A 192 -18.54 -40.24 24.17
CA GLY A 192 -18.96 -40.73 22.87
C GLY A 192 -19.92 -39.76 22.24
N ASN A 193 -19.83 -38.50 22.65
CA ASN A 193 -20.69 -37.45 22.15
C ASN A 193 -20.03 -36.67 21.01
N LYS A 194 -18.82 -37.05 20.62
CA LYS A 194 -18.09 -36.37 19.55
C LYS A 194 -18.99 -36.07 18.35
N PRO A 195 -19.37 -34.80 18.18
CA PRO A 195 -20.23 -34.42 17.06
C PRO A 195 -19.57 -34.83 15.75
N ASP A 196 -20.37 -35.13 14.74
CA ASP A 196 -19.83 -35.52 13.44
C ASP A 196 -19.24 -34.27 12.77
N THR A 197 -17.95 -34.33 12.43
CA THR A 197 -17.29 -33.20 11.82
C THR A 197 -16.64 -33.56 10.49
N SER A 198 -17.38 -34.29 9.66
CA SER A 198 -16.88 -34.72 8.36
C SER A 198 -17.06 -33.65 7.28
N PHE A 199 -18.25 -33.08 7.22
CA PHE A 199 -18.57 -32.05 6.25
C PHE A 199 -17.76 -30.77 6.39
N ILE A 200 -17.04 -30.62 7.49
CA ILE A 200 -16.25 -29.42 7.71
C ILE A 200 -15.03 -29.37 6.82
N THR A 201 -14.23 -30.43 6.85
CA THR A 201 -13.03 -30.47 6.05
C THR A 201 -13.26 -30.72 4.56
N LYS A 202 -14.51 -30.63 4.11
CA LYS A 202 -14.78 -30.82 2.69
C LYS A 202 -14.15 -29.64 1.96
N ALA A 203 -14.32 -29.59 0.65
CA ALA A 203 -13.75 -28.50 -0.11
C ALA A 203 -14.75 -27.37 -0.23
N PHE A 204 -14.34 -26.19 0.22
CA PHE A 204 -15.17 -25.00 0.16
C PHE A 204 -14.41 -24.02 -0.73
N PRO A 205 -14.96 -23.73 -1.92
CA PRO A 205 -14.34 -22.82 -2.90
C PRO A 205 -13.92 -21.46 -2.35
N LYS A 206 -12.61 -21.21 -2.40
CA LYS A 206 -12.02 -19.97 -1.92
C LYS A 206 -12.77 -18.72 -2.36
N GLU A 207 -13.13 -18.68 -3.64
CA GLU A 207 -13.82 -17.53 -4.18
C GLU A 207 -15.17 -17.29 -3.53
N LYS A 208 -15.78 -18.36 -3.03
CA LYS A 208 -17.08 -18.25 -2.38
C LYS A 208 -16.89 -17.75 -0.95
N GLN A 209 -15.87 -18.28 -0.28
CA GLN A 209 -15.57 -17.89 1.09
C GLN A 209 -15.41 -16.38 1.14
N LYS A 210 -14.62 -15.86 0.20
CA LYS A 210 -14.36 -14.43 0.14
C LYS A 210 -15.66 -13.63 0.15
N GLU A 211 -16.65 -14.11 -0.59
CA GLU A 211 -17.93 -13.41 -0.67
C GLU A 211 -18.60 -13.36 0.69
N LEU A 212 -18.54 -14.47 1.42
CA LEU A 212 -19.14 -14.54 2.74
C LEU A 212 -18.45 -13.60 3.71
N SER A 213 -17.12 -13.64 3.73
CA SER A 213 -16.38 -12.76 4.63
C SER A 213 -16.76 -11.31 4.37
N LEU A 214 -16.95 -10.95 3.11
CA LEU A 214 -17.34 -9.59 2.78
C LEU A 214 -18.77 -9.38 3.25
N TYR A 215 -19.58 -10.44 3.15
CA TYR A 215 -20.97 -10.36 3.56
C TYR A 215 -21.06 -10.13 5.07
N PHE A 216 -20.42 -11.00 5.84
CA PHE A 216 -20.42 -10.89 7.30
C PHE A 216 -19.84 -9.57 7.78
N LEU A 217 -18.88 -9.04 7.05
CA LEU A 217 -18.27 -7.77 7.43
C LEU A 217 -19.31 -6.68 7.33
N GLN A 218 -20.12 -6.73 6.28
CA GLN A 218 -21.16 -5.74 6.04
C GLN A 218 -22.21 -5.89 7.15
N GLU A 219 -22.60 -7.13 7.41
CA GLU A 219 -23.60 -7.46 8.42
C GLU A 219 -23.23 -7.02 9.83
N LEU A 220 -22.04 -7.42 10.27
CA LEU A 220 -21.59 -7.08 11.61
C LEU A 220 -21.31 -5.60 11.84
N GLY A 221 -21.37 -4.79 10.78
CA GLY A 221 -21.17 -3.36 10.95
C GLY A 221 -19.92 -2.68 10.43
N TYR A 222 -18.99 -3.44 9.87
CA TYR A 222 -17.76 -2.87 9.32
C TYR A 222 -18.11 -1.86 8.23
N ASP A 223 -17.50 -0.68 8.30
CA ASP A 223 -17.74 0.39 7.31
C ASP A 223 -16.73 0.29 6.17
N PHE A 224 -17.20 -0.04 4.97
CA PHE A 224 -16.27 -0.15 3.84
C PHE A 224 -15.81 1.15 3.20
N ASP A 225 -16.42 2.27 3.59
CA ASP A 225 -16.01 3.56 3.06
C ASP A 225 -14.89 4.02 3.99
N GLY A 226 -14.70 3.25 5.04
CA GLY A 226 -13.68 3.53 6.03
C GLY A 226 -12.69 2.39 6.16
N GLY A 227 -12.78 1.40 5.27
CA GLY A 227 -11.87 0.25 5.31
C GLY A 227 -11.91 -0.67 4.11
N ARG A 228 -11.22 -1.80 4.20
CA ARG A 228 -11.17 -2.77 3.11
C ARG A 228 -10.67 -4.13 3.61
N LEU A 229 -11.03 -5.19 2.89
CA LEU A 229 -10.62 -6.54 3.26
C LEU A 229 -9.61 -7.06 2.24
N ASP A 230 -8.52 -7.66 2.71
CA ASP A 230 -7.49 -8.20 1.82
C ASP A 230 -6.93 -9.48 2.44
N GLU A 231 -6.23 -10.29 1.65
CA GLU A 231 -5.65 -11.56 2.15
C GLU A 231 -4.23 -11.40 2.66
N THR A 232 -3.86 -12.24 3.63
CA THR A 232 -2.52 -12.25 4.22
C THR A 232 -2.23 -13.62 4.79
N VAL A 233 -0.99 -13.83 5.17
CA VAL A 233 -0.56 -15.09 5.77
C VAL A 233 -1.16 -15.16 7.17
N HIS A 234 -0.89 -14.13 7.97
CA HIS A 234 -1.38 -14.04 9.34
C HIS A 234 -2.31 -12.84 9.37
N PRO A 235 -3.63 -13.10 9.55
CA PRO A 235 -4.66 -12.06 9.61
C PRO A 235 -4.42 -11.04 10.70
N PHE A 236 -4.85 -9.82 10.46
CA PHE A 236 -4.67 -8.75 11.43
C PHE A 236 -5.56 -7.62 10.98
N ALA A 237 -5.67 -6.61 11.84
CA ALA A 237 -6.48 -5.43 11.53
C ALA A 237 -5.59 -4.27 11.93
N THR A 238 -5.56 -3.24 11.10
CA THR A 238 -4.71 -2.10 11.38
C THR A 238 -5.41 -0.79 11.10
N THR A 239 -4.97 0.25 11.79
CA THR A 239 -5.55 1.57 11.62
C THR A 239 -4.54 2.50 10.98
N LEU A 240 -4.77 2.88 9.71
CA LEU A 240 -3.86 3.81 9.03
C LEU A 240 -4.22 5.20 9.57
N ASN A 241 -5.51 5.46 9.65
CA ASN A 241 -6.01 6.69 10.23
C ASN A 241 -7.45 6.40 10.63
N ARG A 242 -8.09 7.32 11.32
CA ARG A 242 -9.45 7.10 11.79
C ARG A 242 -10.41 6.63 10.70
N GLY A 243 -10.24 7.14 9.49
CA GLY A 243 -11.12 6.74 8.40
C GLY A 243 -10.53 5.68 7.48
N ASP A 244 -9.55 4.93 7.99
CA ASP A 244 -8.89 3.88 7.23
C ASP A 244 -8.43 2.76 8.16
N VAL A 245 -9.36 1.89 8.56
CA VAL A 245 -9.02 0.76 9.44
C VAL A 245 -9.22 -0.43 8.53
N ARG A 246 -8.14 -1.15 8.24
CA ARG A 246 -8.22 -2.29 7.34
C ARG A 246 -8.18 -3.61 8.05
N VAL A 247 -8.76 -4.64 7.42
CA VAL A 247 -8.75 -5.98 8.00
C VAL A 247 -8.34 -6.99 6.93
N THR A 248 -7.69 -8.07 7.37
CA THR A 248 -7.23 -9.08 6.44
C THR A 248 -7.66 -10.44 6.96
N THR A 249 -7.67 -11.43 6.08
CA THR A 249 -8.06 -12.78 6.47
C THR A 249 -7.28 -13.81 5.66
N ARG A 250 -7.46 -15.08 5.99
CA ARG A 250 -6.79 -16.17 5.29
C ARG A 250 -7.77 -17.27 4.93
N TYR A 251 -7.91 -17.57 3.63
CA TYR A 251 -8.85 -18.57 3.15
C TYR A 251 -8.26 -19.97 3.00
N ASP A 252 -8.97 -20.96 3.55
CA ASP A 252 -8.58 -22.36 3.46
C ASP A 252 -9.78 -23.09 2.85
N GLU A 253 -9.59 -23.68 1.69
CA GLU A 253 -10.69 -24.37 1.03
C GLU A 253 -10.98 -25.74 1.61
N LYS A 254 -10.33 -26.06 2.72
CA LYS A 254 -10.54 -27.36 3.34
C LYS A 254 -10.96 -27.19 4.79
N ASP A 255 -11.52 -26.02 5.06
CA ASP A 255 -12.01 -25.64 6.35
C ASP A 255 -12.34 -24.15 6.31
N PHE A 256 -13.55 -23.89 5.85
CA PHE A 256 -14.08 -22.55 5.73
C PHE A 256 -14.04 -21.80 7.05
N ARG A 257 -14.03 -22.55 8.16
CA ARG A 257 -14.01 -21.93 9.49
C ARG A 257 -12.88 -20.91 9.66
N THR A 258 -11.69 -21.25 9.16
CA THR A 258 -10.53 -20.39 9.29
C THR A 258 -10.73 -18.96 8.80
N ALA A 259 -11.39 -18.80 7.67
CA ALA A 259 -11.60 -17.47 7.13
C ALA A 259 -12.76 -16.77 7.83
N ILE A 260 -13.78 -17.52 8.23
CA ILE A 260 -14.94 -16.94 8.89
C ILE A 260 -14.61 -16.34 10.24
N PHE A 261 -14.14 -17.18 11.16
CA PHE A 261 -13.82 -16.69 12.50
C PHE A 261 -12.67 -15.73 12.45
N GLY A 262 -11.78 -15.90 11.47
CA GLY A 262 -10.66 -15.00 11.32
C GLY A 262 -11.16 -13.60 10.98
N THR A 263 -12.06 -13.50 10.01
CA THR A 263 -12.60 -12.20 9.62
C THR A 263 -13.41 -11.59 10.75
N ILE A 264 -14.39 -12.33 11.26
CA ILE A 264 -15.20 -11.80 12.36
C ILE A 264 -14.29 -11.33 13.50
N HIS A 265 -13.24 -12.10 13.81
CA HIS A 265 -12.33 -11.67 14.86
C HIS A 265 -11.78 -10.29 14.56
N GLU A 266 -11.24 -10.11 13.35
CA GLU A 266 -10.67 -8.83 12.94
C GLU A 266 -11.73 -7.73 12.90
N CYS A 267 -12.96 -8.15 12.60
CA CYS A 267 -14.06 -7.22 12.52
C CYS A 267 -14.21 -6.55 13.87
N GLY A 268 -14.00 -7.33 14.92
CA GLY A 268 -14.09 -6.81 16.27
C GLY A 268 -13.17 -5.62 16.43
N HIS A 269 -11.89 -5.82 16.15
CA HIS A 269 -10.93 -4.74 16.25
C HIS A 269 -11.41 -3.53 15.45
N ALA A 270 -11.87 -3.80 14.24
CA ALA A 270 -12.34 -2.75 13.34
C ALA A 270 -13.58 -1.99 13.83
N ILE A 271 -14.61 -2.73 14.24
CA ILE A 271 -15.82 -2.10 14.72
C ILE A 271 -15.45 -1.16 15.87
N TYR A 272 -14.42 -1.55 16.62
CA TYR A 272 -13.91 -0.78 17.75
C TYR A 272 -13.18 0.47 17.27
N GLU A 273 -12.18 0.26 16.40
CA GLU A 273 -11.38 1.35 15.86
C GLU A 273 -12.25 2.36 15.12
N GLN A 274 -13.32 1.86 14.50
CA GLN A 274 -14.21 2.72 13.74
C GLN A 274 -15.24 3.43 14.59
N ASN A 275 -15.15 3.29 15.90
CA ASN A 275 -16.12 3.92 16.77
C ASN A 275 -15.55 4.70 17.92
N ILE A 276 -14.23 4.89 17.88
CA ILE A 276 -13.56 5.69 18.89
C ILE A 276 -13.95 7.15 18.62
N ASP A 277 -14.36 7.88 19.65
CA ASP A 277 -14.76 9.27 19.48
C ASP A 277 -13.92 10.01 18.45
N GLU A 278 -14.58 10.49 17.40
CA GLU A 278 -13.88 11.21 16.35
C GLU A 278 -13.09 12.41 16.90
N ALA A 279 -13.60 13.04 17.96
CA ALA A 279 -12.93 14.19 18.56
C ALA A 279 -11.48 13.87 18.92
N LEU A 280 -11.22 12.61 19.25
CA LEU A 280 -9.89 12.16 19.63
C LEU A 280 -9.05 11.86 18.38
N SER A 281 -9.68 11.93 17.22
CA SER A 281 -8.98 11.67 15.96
C SER A 281 -7.75 12.56 15.85
N GLY A 282 -6.73 12.08 15.16
CA GLY A 282 -5.53 12.87 15.02
C GLY A 282 -4.74 13.03 16.31
N THR A 283 -5.23 12.48 17.41
CA THR A 283 -4.47 12.63 18.63
C THR A 283 -3.82 11.38 19.19
N ASN A 284 -3.50 11.57 20.46
CA ASN A 284 -2.83 10.68 21.36
C ASN A 284 -3.84 9.68 21.95
N LEU A 285 -5.09 10.12 22.06
CA LEU A 285 -6.12 9.30 22.67
C LEU A 285 -6.96 8.44 21.72
N SER A 286 -6.80 8.63 20.41
CA SER A 286 -7.57 7.86 19.43
C SER A 286 -6.99 6.49 19.14
N ASP A 287 -7.12 5.60 20.12
CA ASP A 287 -6.60 4.26 20.00
C ASP A 287 -7.29 3.33 21.02
N GLY A 288 -6.94 2.06 21.00
CA GLY A 288 -7.54 1.12 21.94
C GLY A 288 -7.04 1.40 23.35
N ALA A 289 -7.86 1.09 24.36
CA ALA A 289 -7.48 1.36 25.73
C ALA A 289 -6.26 0.55 26.14
N SER A 290 -6.07 -0.61 25.50
CA SER A 290 -4.95 -1.51 25.76
C SER A 290 -5.15 -2.74 24.89
N MET A 291 -4.14 -3.59 24.74
CA MET A 291 -4.31 -4.77 23.90
C MET A 291 -5.41 -5.67 24.41
N GLY A 292 -5.53 -5.81 25.73
CA GLY A 292 -6.55 -6.65 26.30
C GLY A 292 -7.95 -6.17 25.95
N ILE A 293 -8.18 -4.87 26.12
CA ILE A 293 -9.47 -4.28 25.82
C ILE A 293 -9.79 -4.47 24.33
N HIS A 294 -8.77 -4.40 23.50
CA HIS A 294 -8.96 -4.58 22.07
C HIS A 294 -9.32 -6.03 21.79
N GLU A 295 -8.56 -6.96 22.36
CA GLU A 295 -8.84 -8.37 22.16
C GLU A 295 -10.18 -8.76 22.79
N SER A 296 -10.68 -7.90 23.68
CA SER A 296 -11.97 -8.18 24.30
C SER A 296 -13.05 -7.97 23.24
N GLN A 297 -12.86 -6.99 22.38
CA GLN A 297 -13.81 -6.68 21.32
C GLN A 297 -13.73 -7.69 20.18
N SER A 298 -12.52 -8.07 19.81
CA SER A 298 -12.38 -9.03 18.73
C SER A 298 -12.94 -10.37 19.18
N LEU A 299 -12.64 -10.75 20.42
CA LEU A 299 -13.11 -12.04 20.93
C LEU A 299 -14.59 -12.04 21.21
N PHE A 300 -15.15 -10.87 21.50
CA PHE A 300 -16.56 -10.77 21.75
C PHE A 300 -17.26 -11.05 20.42
N TYR A 301 -16.75 -10.42 19.35
CA TYR A 301 -17.32 -10.64 18.04
C TYR A 301 -17.07 -12.06 17.55
N GLU A 302 -15.82 -12.52 17.62
CA GLU A 302 -15.52 -13.87 17.16
C GLU A 302 -16.26 -14.96 17.94
N ASN A 303 -16.07 -15.00 19.25
CA ASN A 303 -16.70 -16.02 20.07
C ASN A 303 -18.11 -15.74 20.57
N PHE A 304 -18.32 -14.62 21.25
CA PHE A 304 -19.64 -14.33 21.79
C PHE A 304 -20.73 -14.03 20.78
N ILE A 305 -20.36 -13.93 19.51
CA ILE A 305 -21.36 -13.72 18.49
C ILE A 305 -21.17 -14.80 17.44
N GLY A 306 -19.95 -14.90 16.92
CA GLY A 306 -19.65 -15.90 15.92
C GLY A 306 -19.87 -17.32 16.38
N ARG A 307 -19.54 -17.62 17.63
CA ARG A 307 -19.72 -18.97 18.12
C ARG A 307 -20.96 -19.23 18.96
N ASN A 308 -21.87 -18.25 19.03
CA ASN A 308 -23.11 -18.45 19.76
C ASN A 308 -23.99 -19.05 18.65
N LYS A 309 -24.32 -20.33 18.78
CA LYS A 309 -25.10 -21.01 17.73
C LYS A 309 -26.27 -20.25 17.13
N HIS A 310 -26.76 -19.24 17.82
CA HIS A 310 -27.88 -18.46 17.31
C HIS A 310 -27.46 -17.61 16.12
N PHE A 311 -26.19 -17.21 16.11
CA PHE A 311 -25.64 -16.41 15.04
C PHE A 311 -25.85 -17.04 13.67
N TRP A 312 -25.73 -18.36 13.63
CA TRP A 312 -25.86 -19.07 12.38
C TRP A 312 -27.27 -19.34 11.90
N THR A 313 -28.24 -18.98 12.72
CA THR A 313 -29.64 -19.19 12.34
C THR A 313 -30.01 -18.40 11.10
N PRO A 314 -29.73 -17.08 11.09
CA PRO A 314 -30.08 -16.26 9.93
C PRO A 314 -29.16 -16.44 8.72
N TYR A 315 -28.00 -17.04 8.93
CA TYR A 315 -27.04 -17.19 7.83
C TYR A 315 -26.79 -18.60 7.30
N TYR A 316 -27.13 -19.61 8.08
CA TYR A 316 -26.88 -20.97 7.62
C TYR A 316 -27.36 -21.23 6.19
N LYS A 317 -28.38 -20.50 5.78
CA LYS A 317 -28.92 -20.67 4.43
C LYS A 317 -27.84 -20.33 3.41
N LYS A 318 -27.13 -19.23 3.65
CA LYS A 318 -26.08 -18.81 2.75
C LYS A 318 -24.89 -19.74 2.70
N ILE A 319 -24.49 -20.30 3.84
CA ILE A 319 -23.36 -21.21 3.86
C ILE A 319 -23.64 -22.44 2.98
N GLN A 320 -24.88 -22.89 3.01
CA GLN A 320 -25.28 -24.06 2.22
C GLN A 320 -25.22 -23.77 0.72
N GLU A 321 -25.75 -22.63 0.32
CA GLU A 321 -25.78 -22.24 -1.08
C GLU A 321 -24.40 -21.93 -1.65
N ALA A 322 -23.46 -21.54 -0.80
CA ALA A 322 -22.11 -21.24 -1.26
C ALA A 322 -21.38 -22.53 -1.62
N SER A 323 -21.56 -23.55 -0.79
CA SER A 323 -20.92 -24.85 -1.02
C SER A 323 -21.99 -25.92 -0.79
N PRO A 324 -22.99 -25.98 -1.68
CA PRO A 324 -24.10 -26.94 -1.61
C PRO A 324 -23.74 -28.42 -1.43
N VAL A 325 -22.77 -28.89 -2.20
CA VAL A 325 -22.36 -30.30 -2.12
C VAL A 325 -21.95 -30.64 -0.68
N GLN A 326 -21.13 -29.76 -0.10
CA GLN A 326 -20.58 -29.90 1.25
C GLN A 326 -21.58 -29.93 2.40
N PHE A 327 -22.55 -29.03 2.38
CA PHE A 327 -23.54 -28.99 3.45
C PHE A 327 -24.91 -29.49 3.02
N LYS A 328 -24.92 -30.36 2.00
CA LYS A 328 -26.18 -30.90 1.50
C LYS A 328 -26.76 -31.90 2.50
N ASP A 329 -27.96 -31.57 3.00
CA ASP A 329 -28.66 -32.40 3.97
C ASP A 329 -27.95 -32.51 5.32
N ILE A 330 -27.39 -31.40 5.79
CA ILE A 330 -26.73 -31.34 7.09
C ILE A 330 -27.60 -30.39 7.92
N SER A 331 -28.13 -30.89 9.03
CA SER A 331 -29.01 -30.07 9.86
C SER A 331 -28.30 -28.84 10.43
N LEU A 332 -29.04 -27.74 10.54
CA LEU A 332 -28.49 -26.51 11.09
C LEU A 332 -27.93 -26.90 12.45
N ASP A 333 -28.68 -27.74 13.16
CA ASP A 333 -28.29 -28.20 14.47
C ASP A 333 -26.89 -28.82 14.44
N ASP A 334 -26.74 -29.89 13.66
CA ASP A 334 -25.45 -30.56 13.57
C ASP A 334 -24.35 -29.60 13.14
N PHE A 335 -24.71 -28.60 12.35
CA PHE A 335 -23.75 -27.61 11.89
C PHE A 335 -23.09 -26.93 13.08
N VAL A 336 -23.87 -26.17 13.84
CA VAL A 336 -23.33 -25.47 15.01
C VAL A 336 -22.65 -26.41 15.99
N ARG A 337 -23.08 -27.65 16.04
CA ARG A 337 -22.48 -28.62 16.94
C ARG A 337 -21.07 -28.98 16.50
N ALA A 338 -20.81 -28.86 15.20
CA ALA A 338 -19.50 -29.19 14.65
C ALA A 338 -18.59 -27.97 14.70
N ILE A 339 -19.18 -26.81 14.46
CA ILE A 339 -18.43 -25.57 14.48
C ILE A 339 -17.79 -25.36 15.85
N ASN A 340 -18.57 -25.53 16.90
CA ASN A 340 -18.05 -25.34 18.25
C ASN A 340 -17.42 -26.57 18.87
N GLU A 341 -16.95 -27.46 18.01
CA GLU A 341 -16.29 -28.69 18.44
C GLU A 341 -15.14 -28.34 19.38
N SER A 342 -14.70 -29.31 20.18
CA SER A 342 -13.60 -29.05 21.07
C SER A 342 -12.69 -30.24 21.15
N LYS A 343 -11.55 -30.10 20.50
CA LYS A 343 -10.54 -31.14 20.44
C LYS A 343 -9.22 -30.41 20.48
N PRO A 344 -8.24 -30.95 21.21
CA PRO A 344 -6.94 -30.29 21.28
C PRO A 344 -6.28 -30.22 19.88
N SER A 345 -5.67 -29.08 19.56
CA SER A 345 -5.03 -28.91 18.26
C SER A 345 -3.76 -28.08 18.35
N PHE A 346 -3.09 -27.92 17.22
CA PHE A 346 -1.82 -27.19 17.16
C PHE A 346 -1.86 -25.68 16.92
N ILE A 347 -2.87 -25.20 16.21
CA ILE A 347 -2.93 -23.77 15.89
C ILE A 347 -3.87 -22.91 16.71
N ARG A 348 -3.28 -22.09 17.58
CA ARG A 348 -4.00 -21.17 18.43
C ARG A 348 -5.09 -20.45 17.65
N VAL A 349 -4.69 -19.67 16.65
CA VAL A 349 -5.64 -18.92 15.85
C VAL A 349 -6.85 -19.71 15.38
N GLU A 350 -6.72 -21.02 15.27
CA GLU A 350 -7.84 -21.84 14.80
C GLU A 350 -8.44 -22.71 15.90
N ALA A 351 -7.79 -22.71 17.06
CA ALA A 351 -8.24 -23.51 18.19
C ALA A 351 -9.64 -23.15 18.62
N ASP A 352 -10.33 -24.12 19.22
CA ASP A 352 -11.69 -23.92 19.70
C ASP A 352 -11.70 -23.09 20.98
N GLU A 353 -12.89 -22.67 21.40
CA GLU A 353 -13.04 -21.87 22.60
C GLU A 353 -12.48 -22.50 23.86
N LEU A 354 -12.83 -23.76 24.12
CA LEU A 354 -12.34 -24.40 25.34
C LEU A 354 -10.83 -24.49 25.46
N THR A 355 -10.17 -24.91 24.38
CA THR A 355 -8.71 -25.08 24.39
C THR A 355 -7.91 -23.83 24.10
N TYR A 356 -8.56 -22.79 23.60
CA TYR A 356 -7.86 -21.55 23.28
C TYR A 356 -6.95 -21.02 24.38
N PRO A 357 -7.48 -20.84 25.60
CA PRO A 357 -6.64 -20.34 26.69
C PRO A 357 -5.34 -21.09 26.91
N LEU A 358 -5.38 -22.42 26.81
CA LEU A 358 -4.18 -23.22 27.03
C LEU A 358 -3.06 -22.76 26.11
N HIS A 359 -3.44 -22.39 24.88
CA HIS A 359 -2.47 -21.92 23.91
C HIS A 359 -1.78 -20.64 24.42
N ILE A 360 -2.57 -19.72 24.95
CA ILE A 360 -2.01 -18.47 25.45
C ILE A 360 -1.08 -18.74 26.62
N ILE A 361 -1.50 -19.61 27.53
CA ILE A 361 -0.68 -19.92 28.69
C ILE A 361 0.68 -20.48 28.30
N ILE A 362 0.68 -21.37 27.32
CA ILE A 362 1.91 -21.98 26.86
C ILE A 362 2.92 -20.92 26.43
N ARG A 363 2.42 -19.89 25.74
CA ARG A 363 3.27 -18.80 25.26
C ARG A 363 3.69 -17.90 26.42
N TYR A 364 2.78 -17.73 27.38
CA TYR A 364 3.08 -16.93 28.55
C TYR A 364 4.29 -17.49 29.29
N GLU A 365 4.23 -18.78 29.61
CA GLU A 365 5.32 -19.43 30.33
C GLU A 365 6.61 -19.44 29.54
N ILE A 366 6.50 -19.76 28.25
CA ILE A 366 7.67 -19.79 27.39
C ILE A 366 8.36 -18.42 27.42
N GLU A 367 7.58 -17.36 27.22
CA GLU A 367 8.15 -16.01 27.24
C GLU A 367 8.73 -15.68 28.61
N LYS A 368 8.05 -16.12 29.67
CA LYS A 368 8.51 -15.86 31.03
C LYS A 368 9.88 -16.52 31.21
N ALA A 369 10.02 -17.74 30.69
CA ALA A 369 11.29 -18.44 30.77
C ALA A 369 12.34 -17.71 29.93
N ILE A 370 11.93 -17.21 28.77
CA ILE A 370 12.84 -16.50 27.89
C ILE A 370 13.53 -15.32 28.56
N PHE A 371 12.75 -14.45 29.18
CA PHE A 371 13.33 -13.26 29.81
C PHE A 371 13.89 -13.36 31.22
N SER A 372 13.86 -14.56 31.76
CA SER A 372 14.43 -14.81 33.09
C SER A 372 15.63 -15.71 32.76
N ASN A 373 16.01 -15.66 31.49
CA ASN A 373 17.14 -16.39 30.92
C ASN A 373 17.19 -17.88 31.28
N GLU A 374 16.04 -18.54 31.24
CA GLU A 374 15.95 -19.98 31.57
C GLU A 374 15.83 -20.86 30.34
N VAL A 375 16.21 -20.32 29.19
CA VAL A 375 16.15 -21.09 27.95
C VAL A 375 16.80 -20.29 26.84
N SER A 376 17.41 -20.99 25.90
CA SER A 376 18.06 -20.33 24.78
C SER A 376 17.23 -20.51 23.51
N VAL A 377 17.47 -19.66 22.53
CA VAL A 377 16.74 -19.71 21.26
C VAL A 377 16.78 -21.13 20.71
N GLU A 378 17.98 -21.68 20.65
CA GLU A 378 18.21 -23.03 20.16
C GLU A 378 17.29 -24.08 20.79
N ASP A 379 16.92 -23.89 22.04
CA ASP A 379 16.08 -24.85 22.76
C ASP A 379 14.58 -24.56 22.76
N LEU A 380 14.18 -23.41 22.22
CA LEU A 380 12.76 -23.03 22.20
C LEU A 380 11.85 -24.01 21.47
N PRO A 381 12.22 -24.45 20.25
CA PRO A 381 11.33 -25.39 19.56
C PRO A 381 11.03 -26.61 20.43
N SER A 382 12.03 -27.02 21.20
CA SER A 382 11.87 -28.18 22.07
C SER A 382 10.88 -27.83 23.17
N LEU A 383 11.23 -26.87 24.01
CA LEU A 383 10.37 -26.43 25.10
C LEU A 383 8.95 -26.21 24.61
N TRP A 384 8.81 -25.60 23.43
CA TRP A 384 7.51 -25.32 22.86
C TRP A 384 6.72 -26.59 22.66
N ASN A 385 7.31 -27.55 21.96
CA ASN A 385 6.64 -28.81 21.71
C ASN A 385 6.31 -29.55 23.01
N GLN A 386 7.13 -29.31 24.04
CA GLN A 386 6.91 -29.94 25.33
C GLN A 386 5.64 -29.41 25.96
N LYS A 387 5.53 -28.08 26.08
CA LYS A 387 4.35 -27.45 26.67
C LYS A 387 3.09 -27.89 25.94
N TYR A 388 3.14 -27.97 24.61
CA TYR A 388 1.98 -28.38 23.85
C TYR A 388 1.58 -29.79 24.20
N GLN A 389 2.51 -30.54 24.78
CA GLN A 389 2.23 -31.90 25.21
C GLN A 389 1.70 -31.77 26.62
N ASP A 390 2.42 -31.01 27.44
CA ASP A 390 2.04 -30.78 28.83
C ASP A 390 0.60 -30.34 29.00
N TYR A 391 0.12 -29.47 28.12
CA TYR A 391 -1.24 -28.98 28.25
C TYR A 391 -2.26 -29.52 27.26
N LEU A 392 -1.81 -30.01 26.12
CA LEU A 392 -2.77 -30.50 25.13
C LEU A 392 -2.58 -31.95 24.75
N GLY A 393 -1.51 -32.56 25.24
CA GLY A 393 -1.25 -33.96 24.97
C GLY A 393 -0.93 -34.31 23.53
N ILE A 394 -0.39 -33.34 22.80
CA ILE A 394 -0.02 -33.58 21.42
C ILE A 394 1.29 -32.86 21.18
N THR A 395 2.07 -33.34 20.21
CA THR A 395 3.36 -32.74 19.90
C THR A 395 3.43 -32.34 18.43
N PRO A 396 3.85 -31.09 18.14
CA PRO A 396 3.97 -30.57 16.78
C PRO A 396 4.91 -31.43 15.92
N GLN A 397 4.48 -31.74 14.70
CA GLN A 397 5.32 -32.55 13.81
C GLN A 397 6.17 -31.71 12.89
N THR A 398 5.82 -30.43 12.78
CA THR A 398 6.53 -29.50 11.93
C THR A 398 6.64 -28.18 12.69
N ASP A 399 7.74 -27.46 12.53
CA ASP A 399 7.88 -26.19 13.22
C ASP A 399 6.81 -25.20 12.75
N ALA A 400 6.27 -25.46 11.56
CA ALA A 400 5.25 -24.60 10.99
C ALA A 400 4.05 -24.58 11.93
N GLU A 401 3.62 -25.75 12.38
CA GLU A 401 2.48 -25.83 13.29
C GLU A 401 2.96 -25.66 14.73
N GLY A 402 4.27 -25.54 14.89
CA GLY A 402 4.83 -25.38 16.21
C GLY A 402 5.15 -23.93 16.53
N ILE A 403 6.42 -23.68 16.87
CA ILE A 403 6.85 -22.35 17.25
C ILE A 403 6.82 -21.27 16.16
N LEU A 404 6.80 -21.67 14.89
CA LEU A 404 6.74 -20.68 13.81
C LEU A 404 5.31 -20.20 13.58
N GLN A 405 4.38 -20.95 14.15
CA GLN A 405 2.95 -20.68 14.06
C GLN A 405 2.47 -19.21 14.07
N ASP A 406 2.85 -18.43 15.09
CA ASP A 406 2.44 -17.03 15.18
C ASP A 406 3.54 -16.03 14.83
N VAL A 407 3.12 -14.84 14.42
CA VAL A 407 4.02 -13.77 13.99
C VAL A 407 4.57 -12.87 15.09
N HIS A 408 3.76 -12.62 16.11
CA HIS A 408 4.14 -11.74 17.20
C HIS A 408 5.63 -11.59 17.45
N TRP A 409 6.34 -12.67 17.71
CA TRP A 409 7.76 -12.54 17.97
C TRP A 409 8.55 -11.87 16.83
N ALA A 410 8.32 -12.31 15.61
CA ALA A 410 9.03 -11.72 14.48
C ALA A 410 8.79 -10.23 14.47
N GLY A 411 7.62 -9.83 14.95
CA GLY A 411 7.27 -8.43 14.98
C GLY A 411 7.79 -7.73 16.22
N GLY A 412 8.46 -8.49 17.09
CA GLY A 412 9.00 -7.90 18.29
C GLY A 412 7.96 -7.65 19.38
N ASP A 413 6.88 -8.43 19.35
CA ASP A 413 5.80 -8.29 20.30
C ASP A 413 5.88 -9.29 21.46
N PHE A 414 6.81 -9.04 22.37
CA PHE A 414 6.97 -9.93 23.52
C PHE A 414 6.20 -9.34 24.69
N GLY A 415 5.38 -10.17 25.32
CA GLY A 415 4.60 -9.71 26.45
C GLY A 415 3.23 -9.31 26.00
N TYR A 416 2.94 -9.60 24.75
CA TYR A 416 1.67 -9.26 24.14
C TYR A 416 0.67 -10.39 24.33
N PHE A 417 1.08 -11.62 24.06
CA PHE A 417 0.17 -12.76 24.16
C PHE A 417 -0.82 -12.83 25.31
N PRO A 418 -0.36 -12.60 26.56
CA PRO A 418 -1.29 -12.66 27.68
C PRO A 418 -2.58 -11.87 27.42
N SER A 419 -2.46 -10.73 26.75
CA SER A 419 -3.60 -9.88 26.41
C SER A 419 -4.75 -10.59 25.72
N TYR A 420 -4.50 -11.76 25.15
CA TYR A 420 -5.58 -12.48 24.50
C TYR A 420 -6.46 -13.10 25.58
N ALA A 421 -5.82 -13.67 26.60
CA ALA A 421 -6.57 -14.28 27.70
C ALA A 421 -7.34 -13.18 28.43
N LEU A 422 -6.67 -12.09 28.76
CA LEU A 422 -7.34 -10.99 29.45
C LEU A 422 -8.52 -10.49 28.62
N GLY A 423 -8.34 -10.45 27.30
CA GLY A 423 -9.41 -9.99 26.43
C GLY A 423 -10.56 -10.97 26.43
N TYR A 424 -10.22 -12.26 26.46
CA TYR A 424 -11.22 -13.32 26.47
C TYR A 424 -12.01 -13.24 27.79
N MET A 425 -11.32 -12.89 28.88
CA MET A 425 -11.98 -12.76 30.17
C MET A 425 -12.85 -11.52 30.17
N TYR A 426 -12.32 -10.43 29.61
CA TYR A 426 -13.04 -9.17 29.52
C TYR A 426 -14.31 -9.39 28.70
N ALA A 427 -14.18 -10.18 27.64
CA ALA A 427 -15.33 -10.45 26.78
C ALA A 427 -16.40 -11.21 27.57
N ALA A 428 -15.99 -12.25 28.27
CA ALA A 428 -16.91 -13.05 29.06
C ALA A 428 -17.68 -12.19 30.06
N GLN A 429 -16.96 -11.27 30.69
CA GLN A 429 -17.57 -10.39 31.67
C GLN A 429 -18.50 -9.38 31.02
N LEU A 430 -18.07 -8.78 29.92
CA LEU A 430 -18.89 -7.82 29.21
C LEU A 430 -20.18 -8.49 28.78
N LYS A 431 -20.05 -9.73 28.32
CA LYS A 431 -21.19 -10.50 27.85
C LYS A 431 -22.29 -10.69 28.87
N GLN A 432 -21.98 -11.39 29.96
CA GLN A 432 -22.95 -11.67 31.01
C GLN A 432 -23.60 -10.40 31.52
N LYS A 433 -22.85 -9.32 31.60
CA LYS A 433 -23.38 -8.03 32.07
C LYS A 433 -24.27 -7.40 31.01
N MET A 434 -23.93 -7.63 29.75
CA MET A 434 -24.70 -7.11 28.63
C MET A 434 -26.08 -7.77 28.63
N LEU A 435 -26.14 -9.01 29.10
CA LEU A 435 -27.40 -9.75 29.16
C LEU A 435 -28.43 -9.05 30.02
N GLU A 436 -27.96 -8.21 30.94
CA GLU A 436 -28.85 -7.47 31.83
C GLU A 436 -29.66 -6.43 31.06
N ASP A 437 -29.02 -5.71 30.16
CA ASP A 437 -29.71 -4.71 29.38
C ASP A 437 -30.23 -5.33 28.08
N LEU A 438 -29.72 -6.50 27.74
CA LEU A 438 -30.13 -7.19 26.51
C LEU A 438 -30.38 -8.69 26.68
N PRO A 439 -31.45 -9.07 27.39
CA PRO A 439 -31.74 -10.50 27.59
C PRO A 439 -32.06 -11.19 26.27
N GLU A 440 -32.65 -10.44 25.35
CA GLU A 440 -33.03 -10.97 24.05
C GLU A 440 -31.84 -11.13 23.12
N PHE A 441 -30.64 -11.08 23.69
CA PHE A 441 -29.39 -11.22 22.93
C PHE A 441 -29.43 -12.37 21.92
N ASP A 442 -29.77 -13.57 22.38
CA ASP A 442 -29.82 -14.73 21.51
C ASP A 442 -30.91 -14.56 20.46
N ALA A 443 -31.92 -13.76 20.80
CA ALA A 443 -33.02 -13.52 19.89
C ALA A 443 -32.53 -12.59 18.78
N LEU A 444 -31.71 -11.63 19.16
CA LEU A 444 -31.16 -10.68 18.20
C LEU A 444 -30.31 -11.41 17.16
N LEU A 445 -29.43 -12.30 17.63
CA LEU A 445 -28.58 -13.03 16.71
C LEU A 445 -29.37 -13.85 15.71
N GLU A 446 -30.50 -14.40 16.14
CA GLU A 446 -31.31 -15.21 15.24
C GLU A 446 -31.86 -14.35 14.10
N ARG A 447 -32.05 -13.07 14.37
CA ARG A 447 -32.55 -12.12 13.37
C ARG A 447 -31.41 -11.39 12.68
N GLY A 448 -30.19 -11.56 13.20
CA GLY A 448 -29.06 -10.90 12.59
C GLY A 448 -29.08 -9.41 12.87
N GLU A 449 -29.79 -9.02 13.92
CA GLU A 449 -29.88 -7.62 14.31
C GLU A 449 -28.79 -7.41 15.38
N PHE A 450 -27.74 -6.67 15.00
CA PHE A 450 -26.62 -6.44 15.90
C PHE A 450 -26.48 -5.02 16.44
N HIS A 451 -27.16 -4.07 15.82
CA HIS A 451 -27.08 -2.68 16.26
C HIS A 451 -27.21 -2.53 17.76
N PRO A 452 -28.13 -3.27 18.41
CA PRO A 452 -28.31 -3.18 19.86
C PRO A 452 -27.03 -3.53 20.60
N ILE A 453 -26.37 -4.60 20.12
CA ILE A 453 -25.13 -5.08 20.70
C ILE A 453 -23.96 -4.15 20.43
N LYS A 454 -23.82 -3.71 19.18
CA LYS A 454 -22.75 -2.80 18.84
C LYS A 454 -22.83 -1.53 19.66
N GLN A 455 -23.99 -0.88 19.63
CA GLN A 455 -24.17 0.35 20.38
C GLN A 455 -23.85 0.18 21.87
N TRP A 456 -24.12 -1.00 22.41
CA TRP A 456 -23.81 -1.26 23.81
C TRP A 456 -22.29 -1.19 23.95
N LEU A 457 -21.60 -1.99 23.13
CA LEU A 457 -20.14 -2.05 23.15
C LEU A 457 -19.51 -0.69 22.87
N THR A 458 -20.13 0.09 21.99
CA THR A 458 -19.63 1.42 21.63
C THR A 458 -19.70 2.42 22.78
N GLU A 459 -20.80 2.38 23.54
CA GLU A 459 -20.94 3.31 24.66
C GLU A 459 -20.08 2.84 25.83
N LYS A 460 -20.09 1.54 26.08
CA LYS A 460 -19.31 1.00 27.19
C LYS A 460 -17.82 0.90 26.92
N VAL A 461 -17.44 0.66 25.67
CA VAL A 461 -16.02 0.48 25.34
C VAL A 461 -15.37 1.34 24.25
N HIS A 462 -15.87 1.26 23.01
CA HIS A 462 -15.28 1.99 21.87
C HIS A 462 -15.13 3.49 22.04
N ILE A 463 -16.25 4.20 21.97
CA ILE A 463 -16.29 5.65 22.08
C ILE A 463 -15.19 6.28 22.94
N HIS A 464 -14.87 5.66 24.08
CA HIS A 464 -13.87 6.21 24.98
C HIS A 464 -12.45 6.34 24.45
N GLY A 465 -12.07 5.49 23.51
CA GLY A 465 -10.71 5.56 23.00
C GLY A 465 -9.79 5.31 24.19
N LYS A 466 -8.80 6.17 24.41
CA LYS A 466 -7.90 5.99 25.55
C LYS A 466 -8.22 6.91 26.73
N ARG A 467 -9.39 7.52 26.72
CA ARG A 467 -9.80 8.39 27.81
C ARG A 467 -9.86 7.63 29.14
N LYS A 468 -10.32 6.38 29.08
CA LYS A 468 -10.40 5.55 30.29
C LYS A 468 -9.34 4.48 30.24
N LYS A 469 -8.97 3.95 31.40
CA LYS A 469 -7.99 2.87 31.45
C LYS A 469 -8.74 1.54 31.43
N PRO A 470 -8.06 0.44 31.13
CA PRO A 470 -8.78 -0.84 31.12
C PRO A 470 -9.54 -1.08 32.43
N LEU A 471 -8.86 -0.84 33.55
CA LEU A 471 -9.49 -1.02 34.85
C LEU A 471 -10.77 -0.16 34.93
N ASP A 472 -10.68 1.06 34.38
CA ASP A 472 -11.80 2.00 34.38
C ASP A 472 -12.88 1.51 33.44
N ILE A 473 -12.48 1.04 32.26
CA ILE A 473 -13.44 0.57 31.27
C ILE A 473 -14.30 -0.54 31.85
N ILE A 474 -13.64 -1.58 32.34
CA ILE A 474 -14.35 -2.72 32.89
C ILE A 474 -15.19 -2.41 34.12
N LYS A 475 -14.67 -1.61 35.05
CA LYS A 475 -15.44 -1.28 36.24
C LYS A 475 -16.69 -0.50 35.86
N ASP A 476 -16.50 0.55 35.06
CA ASP A 476 -17.58 1.40 34.60
C ASP A 476 -18.64 0.64 33.80
N ALA A 477 -18.18 -0.40 33.09
CA ALA A 477 -19.07 -1.19 32.24
C ALA A 477 -19.80 -2.34 32.92
N THR A 478 -19.10 -3.13 33.73
CA THR A 478 -19.69 -4.29 34.42
C THR A 478 -20.01 -4.07 35.90
N GLY A 479 -19.39 -3.05 36.50
CA GLY A 479 -19.63 -2.76 37.90
C GLY A 479 -18.65 -3.42 38.85
N GLU A 480 -17.66 -4.12 38.31
CA GLU A 480 -16.70 -4.78 39.15
C GLU A 480 -15.46 -5.04 38.35
N GLU A 481 -14.31 -4.97 39.01
CA GLU A 481 -13.03 -5.21 38.38
C GLU A 481 -13.07 -6.56 37.69
N LEU A 482 -12.09 -6.80 36.82
CA LEU A 482 -12.01 -8.05 36.06
C LEU A 482 -12.13 -9.30 36.92
N ASN A 483 -12.75 -10.34 36.38
CA ASN A 483 -12.95 -11.59 37.11
C ASN A 483 -12.97 -12.84 36.22
N VAL A 484 -11.99 -13.72 36.40
CA VAL A 484 -11.92 -14.94 35.59
C VAL A 484 -13.19 -15.77 35.68
N ARG A 485 -13.89 -15.65 36.80
CA ARG A 485 -15.10 -16.42 37.00
C ARG A 485 -16.04 -16.41 35.80
N TYR A 486 -16.26 -15.24 35.20
CA TYR A 486 -17.15 -15.17 34.06
C TYR A 486 -16.72 -16.04 32.90
N LEU A 487 -15.44 -16.02 32.58
CA LEU A 487 -14.96 -16.83 31.46
C LEU A 487 -15.03 -18.32 31.80
N ILE A 488 -14.60 -18.68 33.01
CA ILE A 488 -14.63 -20.07 33.45
C ILE A 488 -16.06 -20.59 33.43
N ASP A 489 -17.00 -19.81 33.95
CA ASP A 489 -18.39 -20.23 33.95
C ASP A 489 -18.88 -20.38 32.52
N TYR A 490 -18.70 -19.35 31.70
CA TYR A 490 -19.12 -19.40 30.31
C TYR A 490 -18.66 -20.66 29.58
N LEU A 491 -17.36 -20.93 29.64
CA LEU A 491 -16.81 -22.12 29.00
C LEU A 491 -17.27 -23.36 29.72
N SER A 492 -17.26 -23.30 31.05
CA SER A 492 -17.68 -24.43 31.86
C SER A 492 -19.07 -24.88 31.46
N ASN A 493 -20.01 -23.95 31.50
CA ASN A 493 -21.38 -24.26 31.17
C ASN A 493 -21.54 -24.66 29.71
N LYS A 494 -21.15 -23.78 28.80
CA LYS A 494 -21.31 -24.05 27.37
C LYS A 494 -20.79 -25.37 26.83
N TYR A 495 -19.62 -25.81 27.27
CA TYR A 495 -19.08 -27.06 26.76
C TYR A 495 -19.46 -28.29 27.55
N SER A 496 -20.27 -28.10 28.61
CA SER A 496 -20.74 -29.23 29.40
C SER A 496 -22.08 -29.65 28.81
N ASN A 497 -22.79 -28.67 28.26
CA ASN A 497 -24.08 -28.90 27.65
C ASN A 497 -23.93 -29.49 26.25
N LEU A 498 -22.77 -29.27 25.64
CA LEU A 498 -22.54 -29.79 24.31
C LEU A 498 -22.21 -31.28 24.34
N TYR A 499 -21.23 -31.64 25.16
CA TYR A 499 -20.83 -33.03 25.27
C TYR A 499 -21.49 -33.74 26.46
N LEU A 500 -21.21 -33.26 27.67
CA LEU A 500 -21.77 -33.86 28.88
C LEU A 500 -23.28 -33.71 28.94
N HIS B 4 35.74 10.82 3.17
CA HIS B 4 35.29 12.22 3.42
C HIS B 4 34.05 12.24 4.31
N THR B 5 34.12 12.95 5.42
CA THR B 5 33.01 13.05 6.37
C THR B 5 31.84 13.83 5.81
N TYR B 6 32.11 15.03 5.30
CA TYR B 6 31.06 15.87 4.75
C TYR B 6 30.28 15.17 3.65
N GLU B 7 30.96 14.29 2.92
CA GLU B 7 30.33 13.55 1.85
C GLU B 7 29.28 12.62 2.43
N LYS B 8 29.70 11.77 3.36
CA LYS B 8 28.78 10.84 4.00
C LYS B 8 27.60 11.57 4.64
N GLU B 9 27.82 12.76 5.21
CA GLU B 9 26.71 13.48 5.81
C GLU B 9 25.78 13.93 4.71
N PHE B 10 26.33 14.14 3.52
CA PHE B 10 25.52 14.56 2.38
C PHE B 10 24.67 13.39 1.89
N PHE B 11 25.31 12.29 1.51
CA PHE B 11 24.57 11.14 1.02
C PHE B 11 23.59 10.59 2.06
N ASP B 12 23.96 10.72 3.34
CA ASP B 12 23.09 10.26 4.41
C ASP B 12 21.76 10.98 4.30
N LEU B 13 21.81 12.29 4.13
CA LEU B 13 20.60 13.10 3.98
C LEU B 13 19.76 12.70 2.77
N LEU B 14 20.41 12.48 1.64
CA LEU B 14 19.70 12.10 0.44
C LEU B 14 18.99 10.78 0.68
N LYS B 15 19.73 9.82 1.24
CA LYS B 15 19.18 8.50 1.53
C LYS B 15 18.01 8.61 2.49
N ARG B 16 18.00 9.72 3.24
CA ARG B 16 16.94 9.99 4.20
C ARG B 16 15.73 10.45 3.41
N ILE B 17 16.01 11.25 2.39
CA ILE B 17 14.98 11.75 1.50
C ILE B 17 14.41 10.56 0.76
N SER B 18 15.31 9.69 0.33
CA SER B 18 14.98 8.48 -0.40
C SER B 18 13.90 7.69 0.32
N HIS B 19 14.01 7.58 1.64
CA HIS B 19 13.04 6.84 2.41
C HIS B 19 11.71 7.58 2.51
N TYR B 20 11.75 8.89 2.62
CA TYR B 20 10.49 9.63 2.68
C TYR B 20 9.77 9.41 1.36
N SER B 21 10.55 9.36 0.28
CA SER B 21 10.01 9.17 -1.06
C SER B 21 9.24 7.86 -1.17
N GLU B 22 9.79 6.77 -0.64
CA GLU B 22 9.11 5.49 -0.71
C GLU B 22 7.77 5.62 -0.02
N ALA B 23 7.79 6.16 1.20
CA ALA B 23 6.56 6.35 1.95
C ALA B 23 5.60 7.18 1.11
N VAL B 24 6.11 8.24 0.49
CA VAL B 24 5.27 9.10 -0.34
C VAL B 24 4.70 8.36 -1.56
N ALA B 25 5.55 7.69 -2.32
CA ALA B 25 5.10 6.96 -3.49
C ALA B 25 4.11 5.84 -3.12
N LEU B 26 4.33 5.19 -1.97
CA LEU B 26 3.41 4.13 -1.58
C LEU B 26 2.04 4.75 -1.33
N MET B 27 2.00 5.83 -0.57
CA MET B 27 0.75 6.49 -0.26
C MET B 27 0.02 6.87 -1.56
N HIS B 28 0.75 7.38 -2.53
CA HIS B 28 0.12 7.74 -3.81
C HIS B 28 -0.42 6.47 -4.48
N TRP B 29 0.41 5.43 -4.55
CA TRP B 29 0.02 4.17 -5.16
C TRP B 29 -1.17 3.58 -4.38
N ASP B 30 -1.10 3.62 -3.06
CA ASP B 30 -2.19 3.08 -2.27
C ASP B 30 -3.47 3.85 -2.55
N SER B 31 -3.37 5.15 -2.76
CA SER B 31 -4.55 5.96 -3.02
C SER B 31 -5.18 5.66 -4.38
N ARG B 32 -4.40 5.09 -5.29
CA ARG B 32 -4.88 4.77 -6.62
C ARG B 32 -5.28 3.29 -6.74
N THR B 33 -5.21 2.55 -5.65
CA THR B 33 -5.52 1.12 -5.69
C THR B 33 -6.44 0.60 -4.60
N GLY B 34 -7.27 1.46 -4.04
CA GLY B 34 -8.19 0.99 -3.02
C GLY B 34 -8.30 1.75 -1.71
N ALA B 35 -7.41 2.72 -1.50
CA ALA B 35 -7.46 3.49 -0.27
C ALA B 35 -8.88 3.95 -0.06
N PRO B 36 -9.44 3.68 1.14
CA PRO B 36 -10.79 4.05 1.54
C PRO B 36 -10.98 5.55 1.49
N LYS B 37 -12.11 6.00 0.94
CA LYS B 37 -12.35 7.43 0.81
C LYS B 37 -12.41 8.20 2.13
N ASN B 38 -12.90 7.55 3.19
CA ASN B 38 -12.98 8.24 4.47
C ASN B 38 -11.61 8.69 4.96
N GLY B 39 -10.57 7.98 4.56
CA GLY B 39 -9.21 8.33 4.98
C GLY B 39 -8.54 9.37 4.10
N SER B 40 -9.23 9.76 3.04
CA SER B 40 -8.73 10.72 2.07
C SER B 40 -8.07 11.98 2.62
N GLU B 41 -8.77 12.67 3.52
CA GLU B 41 -8.29 13.91 4.10
C GLU B 41 -6.98 13.78 4.88
N ASP B 42 -6.90 12.76 5.74
CA ASP B 42 -5.69 12.53 6.51
C ASP B 42 -4.61 11.98 5.62
N ARG B 43 -5.00 11.27 4.57
CA ARG B 43 -4.03 10.71 3.63
C ARG B 43 -3.36 11.86 2.91
N ALA B 44 -4.13 12.86 2.55
CA ALA B 44 -3.59 14.01 1.84
C ALA B 44 -2.67 14.81 2.76
N GLU B 45 -3.01 14.82 4.05
CA GLU B 45 -2.24 15.52 5.07
C GLU B 45 -0.86 14.89 5.24
N SER B 46 -0.84 13.56 5.35
CA SER B 46 0.40 12.82 5.54
C SER B 46 1.32 12.91 4.33
N ILE B 47 0.75 12.84 3.13
CA ILE B 47 1.53 12.94 1.91
C ILE B 47 2.16 14.34 1.91
N GLY B 48 1.41 15.31 2.40
CA GLY B 48 1.92 16.67 2.45
C GLY B 48 3.04 16.84 3.47
N GLN B 49 2.90 16.13 4.58
CA GLN B 49 3.90 16.19 5.63
C GLN B 49 5.22 15.59 5.17
N LEU B 50 5.17 14.34 4.69
CA LEU B 50 6.37 13.66 4.23
C LEU B 50 7.00 14.31 3.01
N SER B 51 6.20 15.06 2.26
CA SER B 51 6.74 15.73 1.09
C SER B 51 7.50 16.96 1.55
N THR B 52 6.91 17.69 2.49
CA THR B 52 7.54 18.89 3.02
C THR B 52 8.79 18.52 3.79
N ASP B 53 8.80 17.29 4.30
CA ASP B 53 9.96 16.81 5.05
C ASP B 53 11.10 16.76 4.05
N ILE B 54 10.85 16.13 2.91
CA ILE B 54 11.86 16.03 1.87
C ILE B 54 12.28 17.44 1.49
N PHE B 55 11.29 18.30 1.30
CA PHE B 55 11.49 19.71 0.94
C PHE B 55 12.43 20.37 1.93
N ASN B 56 12.17 20.18 3.22
CA ASN B 56 12.99 20.78 4.27
C ASN B 56 14.43 20.28 4.26
N ILE B 57 14.61 18.98 4.11
CA ILE B 57 15.95 18.41 4.08
C ILE B 57 16.73 18.95 2.89
N GLN B 58 16.01 19.47 1.89
CA GLN B 58 16.65 20.01 0.69
C GLN B 58 16.83 21.53 0.77
N THR B 59 16.07 22.17 1.65
CA THR B 59 16.14 23.62 1.81
C THR B 59 16.84 24.01 3.11
N SER B 60 17.20 23.01 3.91
CA SER B 60 17.87 23.23 5.18
C SER B 60 19.20 23.95 5.00
N ASP B 61 19.53 24.80 5.96
CA ASP B 61 20.78 25.54 5.94
C ASP B 61 21.94 24.55 5.90
N ARG B 62 21.79 23.45 6.65
CA ARG B 62 22.82 22.43 6.70
C ARG B 62 23.10 21.84 5.31
N MET B 63 22.03 21.49 4.61
CA MET B 63 22.18 20.93 3.27
C MET B 63 23.03 21.90 2.47
N LYS B 64 22.66 23.18 2.54
CA LYS B 64 23.37 24.24 1.82
C LYS B 64 24.85 24.32 2.22
N GLU B 65 25.15 24.12 3.50
CA GLU B 65 26.53 24.17 3.96
C GLU B 65 27.29 22.97 3.40
N LEU B 66 26.67 21.80 3.44
CA LEU B 66 27.30 20.60 2.90
C LEU B 66 27.58 20.75 1.41
N ILE B 67 26.66 21.36 0.68
CA ILE B 67 26.85 21.58 -0.76
C ILE B 67 28.13 22.40 -0.91
N ASP B 68 28.06 23.65 -0.43
CA ASP B 68 29.18 24.59 -0.48
C ASP B 68 30.54 23.94 -0.20
N VAL B 69 30.67 23.32 0.96
CA VAL B 69 31.90 22.65 1.35
C VAL B 69 32.38 21.69 0.26
N LEU B 70 31.48 20.80 -0.16
CA LEU B 70 31.78 19.80 -1.19
C LEU B 70 32.09 20.38 -2.56
N TYR B 71 31.67 21.61 -2.81
CA TYR B 71 31.95 22.23 -4.10
C TYR B 71 33.40 22.67 -4.14
N GLU B 72 33.90 23.22 -3.04
CA GLU B 72 35.27 23.67 -3.00
C GLU B 72 36.26 22.51 -3.14
N ARG B 73 35.87 21.35 -2.62
CA ARG B 73 36.69 20.15 -2.67
C ARG B 73 36.30 19.31 -3.89
N PHE B 74 35.53 19.93 -4.77
CA PHE B 74 35.02 19.29 -5.98
C PHE B 74 35.97 18.32 -6.68
N ASP B 75 37.22 18.72 -6.82
CA ASP B 75 38.20 17.89 -7.50
C ASP B 75 38.57 16.57 -6.84
N ASP B 76 38.61 16.55 -5.51
CA ASP B 76 38.97 15.33 -4.80
C ASP B 76 37.82 14.33 -4.74
N LEU B 77 36.69 14.70 -5.34
CA LEU B 77 35.49 13.86 -5.36
C LEU B 77 35.29 13.06 -6.64
N SER B 78 34.53 11.97 -6.52
CA SER B 78 34.25 11.10 -7.65
C SER B 78 33.14 11.70 -8.50
N GLU B 79 32.94 11.14 -9.69
CA GLU B 79 31.93 11.60 -10.62
C GLU B 79 30.52 11.69 -10.04
N ASP B 80 30.01 10.56 -9.55
CA ASP B 80 28.67 10.54 -8.98
C ASP B 80 28.46 11.61 -7.93
N THR B 81 29.46 11.79 -7.06
CA THR B 81 29.38 12.79 -6.00
C THR B 81 29.29 14.20 -6.58
N LYS B 82 30.05 14.45 -7.63
CA LYS B 82 30.03 15.76 -8.27
C LYS B 82 28.64 16.03 -8.82
N LYS B 83 28.15 15.09 -9.62
CA LYS B 83 26.84 15.20 -10.23
C LYS B 83 25.73 15.31 -9.18
N ALA B 84 25.86 14.52 -8.13
CA ALA B 84 24.88 14.51 -7.05
C ALA B 84 24.81 15.87 -6.35
N VAL B 85 25.95 16.47 -6.07
CA VAL B 85 25.98 17.77 -5.39
C VAL B 85 25.51 18.89 -6.30
N GLU B 86 25.82 18.79 -7.59
CA GLU B 86 25.38 19.81 -8.53
C GLU B 86 23.87 19.72 -8.65
N LEU B 87 23.37 18.49 -8.58
CA LEU B 87 21.95 18.26 -8.69
C LEU B 87 21.26 18.79 -7.44
N ALA B 88 21.85 18.50 -6.27
CA ALA B 88 21.29 18.97 -5.01
C ALA B 88 21.36 20.48 -4.93
N LYS B 89 22.41 21.06 -5.51
CA LYS B 89 22.59 22.50 -5.51
C LYS B 89 21.45 23.19 -6.26
N LYS B 90 21.05 22.63 -7.39
CA LYS B 90 19.97 23.20 -8.17
C LYS B 90 18.66 23.06 -7.42
N GLU B 91 18.44 21.88 -6.85
CA GLU B 91 17.22 21.62 -6.11
C GLU B 91 17.14 22.53 -4.90
N TYR B 92 18.29 22.91 -4.36
CA TYR B 92 18.32 23.81 -3.20
C TYR B 92 17.87 25.20 -3.64
N GLU B 93 18.60 25.75 -4.60
CA GLU B 93 18.31 27.07 -5.13
C GLU B 93 16.89 27.15 -5.65
N GLU B 94 16.42 26.06 -6.23
CA GLU B 94 15.09 26.01 -6.80
C GLU B 94 13.97 26.03 -5.76
N ASN B 95 14.00 25.09 -4.80
CA ASN B 95 12.98 25.04 -3.76
C ASN B 95 13.06 26.26 -2.87
N LYS B 96 14.29 26.70 -2.62
CA LYS B 96 14.55 27.84 -1.77
C LYS B 96 13.70 29.05 -2.17
N LYS B 97 13.37 29.14 -3.46
CA LYS B 97 12.56 30.26 -3.95
C LYS B 97 11.08 30.12 -3.61
N ILE B 98 10.72 29.02 -2.95
CA ILE B 98 9.31 28.81 -2.62
C ILE B 98 9.03 28.64 -1.13
N PRO B 99 8.10 29.47 -0.59
CA PRO B 99 7.74 29.43 0.82
C PRO B 99 7.31 28.02 1.21
N GLU B 100 8.02 27.44 2.16
CA GLU B 100 7.69 26.10 2.60
C GLU B 100 6.21 25.94 2.92
N ALA B 101 5.59 26.96 3.48
CA ALA B 101 4.17 26.86 3.82
C ALA B 101 3.32 26.69 2.57
N GLU B 102 3.78 27.23 1.44
CA GLU B 102 3.03 27.12 0.20
C GLU B 102 3.20 25.75 -0.45
N TYR B 103 4.44 25.28 -0.51
CA TYR B 103 4.72 23.97 -1.09
C TYR B 103 3.84 22.91 -0.40
N LYS B 104 3.81 22.99 0.93
CA LYS B 104 3.04 22.04 1.72
C LYS B 104 1.57 22.02 1.37
N GLU B 105 0.92 23.17 1.35
CA GLU B 105 -0.51 23.12 1.02
C GLU B 105 -0.73 22.77 -0.45
N TYR B 106 0.25 23.07 -1.31
CA TYR B 106 0.11 22.70 -2.72
C TYR B 106 0.09 21.17 -2.82
N VAL B 107 1.10 20.52 -2.23
CA VAL B 107 1.21 19.07 -2.22
C VAL B 107 -0.09 18.46 -1.70
N ILE B 108 -0.65 19.06 -0.66
CA ILE B 108 -1.89 18.55 -0.08
C ILE B 108 -3.01 18.69 -1.08
N LEU B 109 -3.02 19.82 -1.78
CA LEU B 109 -4.04 20.09 -2.78
C LEU B 109 -3.98 19.06 -3.92
N CYS B 110 -2.77 18.68 -4.32
CA CYS B 110 -2.59 17.71 -5.38
C CYS B 110 -3.15 16.35 -5.02
N SER B 111 -2.90 15.91 -3.79
CA SER B 111 -3.40 14.63 -3.33
C SER B 111 -4.92 14.63 -3.36
N LYS B 112 -5.50 15.77 -3.02
CA LYS B 112 -6.94 15.91 -2.98
C LYS B 112 -7.52 16.06 -4.38
N ALA B 113 -6.85 16.86 -5.19
CA ALA B 113 -7.29 17.10 -6.56
C ALA B 113 -7.33 15.80 -7.35
N GLU B 114 -6.34 14.95 -7.16
CA GLU B 114 -6.32 13.71 -7.90
C GLU B 114 -7.44 12.75 -7.48
N THR B 115 -7.77 12.73 -6.20
CA THR B 115 -8.87 11.84 -5.79
C THR B 115 -10.14 12.46 -6.37
N ALA B 116 -10.22 13.79 -6.30
CA ALA B 116 -11.36 14.50 -6.83
C ALA B 116 -11.47 14.19 -8.33
N TRP B 117 -10.33 14.31 -9.02
CA TRP B 117 -10.30 14.05 -10.44
C TRP B 117 -10.81 12.65 -10.77
N GLU B 118 -10.22 11.63 -10.14
CA GLU B 118 -10.65 10.26 -10.41
C GLU B 118 -12.15 10.12 -10.38
N GLU B 119 -12.80 10.89 -9.51
CA GLU B 119 -14.25 10.84 -9.40
C GLU B 119 -14.91 11.60 -10.55
N ALA B 120 -14.39 12.80 -10.82
CA ALA B 120 -14.92 13.63 -11.89
C ALA B 120 -14.94 12.87 -13.21
N LYS B 121 -13.81 12.27 -13.57
CA LYS B 121 -13.70 11.52 -14.81
C LYS B 121 -14.65 10.32 -14.83
N GLY B 122 -14.66 9.55 -13.76
CA GLY B 122 -15.54 8.40 -13.69
C GLY B 122 -17.00 8.75 -13.93
N LYS B 123 -17.37 9.96 -13.54
CA LYS B 123 -18.74 10.43 -13.71
C LYS B 123 -18.82 11.28 -14.97
N SER B 124 -17.66 11.66 -15.50
CA SER B 124 -17.62 12.53 -16.67
C SER B 124 -18.22 13.86 -16.20
N ASP B 125 -17.67 14.38 -15.11
CA ASP B 125 -18.14 15.63 -14.52
C ASP B 125 -17.04 16.68 -14.38
N PHE B 126 -17.00 17.63 -15.30
CA PHE B 126 -15.98 18.67 -15.25
C PHE B 126 -16.11 19.56 -14.02
N SER B 127 -17.35 19.95 -13.69
CA SER B 127 -17.59 20.83 -12.54
C SER B 127 -17.06 20.29 -11.22
N LEU B 128 -16.92 18.98 -11.10
CA LEU B 128 -16.44 18.41 -9.85
C LEU B 128 -14.94 18.67 -9.72
N PHE B 129 -14.24 18.62 -10.83
CA PHE B 129 -12.78 18.83 -10.87
C PHE B 129 -12.40 20.31 -10.99
N SER B 130 -13.20 21.03 -11.77
CA SER B 130 -13.02 22.46 -12.03
C SER B 130 -12.47 23.30 -10.87
N PRO B 131 -13.08 23.22 -9.69
CA PRO B 131 -12.67 23.96 -8.50
C PRO B 131 -11.19 23.76 -8.16
N TYR B 132 -10.75 22.51 -8.22
CA TYR B 132 -9.37 22.17 -7.93
C TYR B 132 -8.46 22.62 -9.08
N LEU B 133 -8.93 22.44 -10.31
CA LEU B 133 -8.11 22.84 -11.44
C LEU B 133 -7.74 24.32 -11.33
N GLU B 134 -8.68 25.12 -10.84
CA GLU B 134 -8.44 26.55 -10.68
C GLU B 134 -7.32 26.88 -9.70
N GLN B 135 -7.27 26.10 -8.62
CA GLN B 135 -6.27 26.28 -7.58
C GLN B 135 -4.94 25.72 -8.05
N LEU B 136 -4.97 24.51 -8.61
CA LEU B 136 -3.76 23.87 -9.09
C LEU B 136 -3.02 24.83 -10.02
N ILE B 137 -3.77 25.55 -10.84
CA ILE B 137 -3.18 26.50 -11.77
C ILE B 137 -2.76 27.74 -11.00
N GLU B 138 -3.69 28.34 -10.28
CA GLU B 138 -3.38 29.53 -9.51
C GLU B 138 -2.05 29.36 -8.75
N PHE B 139 -1.82 28.17 -8.20
CA PHE B 139 -0.57 27.88 -7.50
C PHE B 139 0.61 27.94 -8.43
N ASN B 140 0.50 27.26 -9.57
CA ASN B 140 1.57 27.19 -10.54
C ASN B 140 1.96 28.51 -11.17
N LYS B 141 0.96 29.36 -11.40
CA LYS B 141 1.20 30.68 -11.95
C LYS B 141 2.12 31.40 -10.95
N ARG B 142 1.72 31.30 -9.69
CA ARG B 142 2.44 31.88 -8.57
C ARG B 142 3.84 31.28 -8.51
N PHE B 143 3.95 29.97 -8.65
CA PHE B 143 5.27 29.33 -8.62
C PHE B 143 6.16 29.85 -9.73
N ILE B 144 5.58 30.00 -10.92
CA ILE B 144 6.32 30.51 -12.08
C ILE B 144 6.97 31.85 -11.71
N THR B 145 6.28 32.62 -10.88
CA THR B 145 6.78 33.90 -10.42
C THR B 145 8.01 33.68 -9.53
N TYR B 146 7.84 32.84 -8.52
CA TYR B 146 8.90 32.53 -7.56
C TYR B 146 10.18 32.02 -8.22
N TRP B 147 10.06 31.10 -9.19
CA TRP B 147 11.24 30.55 -9.85
C TRP B 147 11.83 31.57 -10.82
N GLY B 148 10.94 32.23 -11.55
CA GLY B 148 11.36 33.21 -12.53
C GLY B 148 11.59 32.55 -13.87
N TYR B 149 11.78 33.37 -14.90
CA TYR B 149 12.02 32.81 -16.23
C TYR B 149 12.75 33.82 -17.10
N GLN B 150 13.07 33.39 -18.32
CA GLN B 150 13.77 34.25 -19.25
C GLN B 150 12.97 34.67 -20.47
N GLU B 151 12.10 33.81 -20.97
CA GLU B 151 11.32 34.18 -22.15
C GLU B 151 9.85 34.04 -21.84
N HIS B 152 9.30 32.86 -22.07
CA HIS B 152 7.89 32.60 -21.80
C HIS B 152 7.75 32.09 -20.38
N PRO B 153 6.76 32.59 -19.63
CA PRO B 153 6.57 32.12 -18.25
C PRO B 153 6.28 30.61 -18.16
N TYR B 154 5.85 30.01 -19.27
CA TYR B 154 5.55 28.58 -19.29
C TYR B 154 6.85 27.79 -19.29
N ASP B 155 7.95 28.43 -19.67
CA ASP B 155 9.24 27.75 -19.69
C ASP B 155 9.61 27.37 -18.28
N ALA B 156 9.17 28.18 -17.32
CA ALA B 156 9.46 27.91 -15.91
C ALA B 156 8.96 26.52 -15.53
N LEU B 157 7.82 26.12 -16.11
CA LEU B 157 7.24 24.82 -15.83
C LEU B 157 7.84 23.74 -16.74
N LEU B 158 8.17 24.12 -17.96
CA LEU B 158 8.75 23.18 -18.91
C LEU B 158 10.07 22.70 -18.35
N ASP B 159 10.80 23.64 -17.73
CA ASP B 159 12.11 23.35 -17.16
C ASP B 159 12.08 22.33 -16.04
N LEU B 160 10.90 22.14 -15.46
CA LEU B 160 10.72 21.20 -14.38
C LEU B 160 10.76 19.74 -14.85
N PHE B 161 10.75 19.51 -16.16
CA PHE B 161 10.78 18.14 -16.69
C PHE B 161 11.83 17.92 -17.76
N GLU B 162 12.10 18.95 -18.55
CA GLU B 162 13.09 18.86 -19.61
C GLU B 162 13.97 20.09 -19.56
N PRO B 163 14.96 20.11 -18.64
CA PRO B 163 15.85 21.27 -18.54
C PRO B 163 16.41 21.67 -19.90
N GLY B 164 16.05 22.87 -20.36
CA GLY B 164 16.53 23.33 -21.65
C GLY B 164 15.40 23.57 -22.65
N VAL B 165 14.35 22.76 -22.57
CA VAL B 165 13.19 22.89 -23.46
C VAL B 165 12.40 24.14 -23.13
N THR B 166 12.26 24.99 -24.14
CA THR B 166 11.54 26.25 -23.97
C THR B 166 10.40 26.32 -24.95
N VAL B 167 9.56 27.34 -24.78
CA VAL B 167 8.42 27.53 -25.67
C VAL B 167 8.93 27.80 -27.08
N LYS B 168 10.04 28.52 -27.18
CA LYS B 168 10.58 28.82 -28.50
C LYS B 168 11.03 27.55 -29.21
N VAL B 169 11.77 26.70 -28.49
CA VAL B 169 12.27 25.44 -29.04
C VAL B 169 11.16 24.47 -29.44
N LEU B 170 10.10 24.42 -28.64
CA LEU B 170 8.96 23.54 -28.92
C LEU B 170 8.09 23.98 -30.11
N ASP B 171 7.83 25.28 -30.22
CA ASP B 171 7.02 25.83 -31.32
C ASP B 171 7.57 25.39 -32.68
N GLN B 172 8.87 25.62 -32.85
CA GLN B 172 9.60 25.26 -34.05
C GLN B 172 9.58 23.76 -34.39
N LEU B 173 9.50 22.95 -33.35
CA LEU B 173 9.53 21.50 -33.48
C LEU B 173 8.15 20.88 -33.71
N PHE B 174 7.14 21.46 -33.07
CA PHE B 174 5.76 20.97 -33.19
C PHE B 174 5.20 21.43 -34.52
N ALA B 175 5.87 22.44 -35.07
CA ALA B 175 5.54 23.00 -36.37
C ALA B 175 5.86 21.91 -37.37
N GLU B 176 7.11 21.45 -37.37
CA GLU B 176 7.50 20.39 -38.29
C GLU B 176 6.64 19.13 -38.16
N LEU B 177 6.28 18.79 -36.93
CA LEU B 177 5.47 17.61 -36.71
C LEU B 177 4.12 17.79 -37.38
N LYS B 178 3.52 18.96 -37.20
CA LYS B 178 2.23 19.25 -37.83
C LYS B 178 2.43 19.07 -39.34
N GLU B 179 3.36 19.87 -39.88
CA GLU B 179 3.72 19.87 -41.30
C GLU B 179 3.89 18.47 -41.89
N ALA B 180 4.30 17.51 -41.07
CA ALA B 180 4.51 16.15 -41.55
C ALA B 180 3.39 15.17 -41.21
N ILE B 181 2.83 15.31 -40.01
CA ILE B 181 1.77 14.40 -39.59
C ILE B 181 0.41 14.68 -40.18
N ILE B 182 -0.10 15.90 -39.99
CA ILE B 182 -1.41 16.28 -40.48
C ILE B 182 -1.71 15.91 -41.94
N PRO B 183 -0.81 16.28 -42.87
CA PRO B 183 -1.09 15.94 -44.27
C PRO B 183 -1.05 14.42 -44.44
N LEU B 184 -0.16 13.79 -43.69
CA LEU B 184 0.00 12.36 -43.73
C LEU B 184 -1.29 11.71 -43.22
N VAL B 185 -1.89 12.30 -42.18
CA VAL B 185 -3.12 11.77 -41.62
C VAL B 185 -4.31 12.02 -42.54
N LYS B 186 -4.23 13.04 -43.38
CA LYS B 186 -5.30 13.34 -44.34
C LYS B 186 -5.32 12.23 -45.37
N GLN B 187 -4.14 11.88 -45.89
CA GLN B 187 -3.99 10.81 -46.87
C GLN B 187 -4.54 9.50 -46.31
N VAL B 188 -4.25 9.24 -45.04
CA VAL B 188 -4.73 8.03 -44.40
C VAL B 188 -6.25 8.06 -44.38
N THR B 189 -6.80 9.25 -44.19
CA THR B 189 -8.25 9.42 -44.14
C THR B 189 -8.88 9.31 -45.53
N ALA B 190 -8.18 9.85 -46.53
CA ALA B 190 -8.67 9.82 -47.90
C ALA B 190 -8.32 8.54 -48.66
N SER B 191 -8.80 7.40 -48.17
CA SER B 191 -8.52 6.13 -48.82
C SER B 191 -9.56 5.06 -48.46
N GLY B 192 -9.79 4.13 -49.38
CA GLY B 192 -10.73 3.05 -49.13
C GLY B 192 -9.96 1.85 -48.63
N ASN B 193 -8.73 2.09 -48.21
CA ASN B 193 -7.84 1.05 -47.71
C ASN B 193 -8.13 0.74 -46.25
N LYS B 194 -9.22 1.30 -45.73
CA LYS B 194 -9.60 1.05 -44.34
C LYS B 194 -9.71 -0.45 -44.09
N PRO B 195 -8.80 -1.00 -43.26
CA PRO B 195 -8.77 -2.43 -42.92
C PRO B 195 -9.91 -2.79 -41.97
N ASP B 196 -10.44 -4.00 -42.10
CA ASP B 196 -11.52 -4.43 -41.22
C ASP B 196 -11.04 -4.42 -39.78
N THR B 197 -11.81 -3.79 -38.90
CA THR B 197 -11.43 -3.73 -37.51
C THR B 197 -12.57 -4.23 -36.61
N SER B 198 -13.56 -4.84 -37.25
CA SER B 198 -14.74 -5.36 -36.56
C SER B 198 -14.44 -6.31 -35.39
N PHE B 199 -13.43 -7.17 -35.55
CA PHE B 199 -13.08 -8.15 -34.52
C PHE B 199 -12.34 -7.55 -33.32
N ILE B 200 -11.85 -6.33 -33.47
CA ILE B 200 -11.13 -5.65 -32.40
C ILE B 200 -12.05 -5.24 -31.25
N THR B 201 -13.21 -4.68 -31.58
CA THR B 201 -14.18 -4.20 -30.58
C THR B 201 -15.12 -5.26 -30.00
N LYS B 202 -14.77 -6.52 -30.11
CA LYS B 202 -15.63 -7.57 -29.56
C LYS B 202 -15.35 -7.73 -28.07
N ALA B 203 -16.04 -8.66 -27.42
CA ALA B 203 -15.82 -8.90 -26.01
C ALA B 203 -14.60 -9.78 -25.82
N PHE B 204 -13.68 -9.32 -24.97
CA PHE B 204 -12.46 -10.04 -24.66
C PHE B 204 -12.47 -10.07 -23.13
N PRO B 205 -12.89 -11.22 -22.55
CA PRO B 205 -12.98 -11.43 -21.10
C PRO B 205 -11.83 -10.82 -20.28
N LYS B 206 -12.21 -10.00 -19.32
CA LYS B 206 -11.26 -9.32 -18.46
C LYS B 206 -10.23 -10.28 -17.85
N GLU B 207 -10.72 -11.35 -17.24
CA GLU B 207 -9.84 -12.31 -16.62
C GLU B 207 -8.76 -12.78 -17.58
N LYS B 208 -9.08 -12.84 -18.86
CA LYS B 208 -8.09 -13.28 -19.85
C LYS B 208 -7.12 -12.16 -20.21
N GLN B 209 -7.59 -10.91 -20.20
CA GLN B 209 -6.73 -9.79 -20.52
C GLN B 209 -5.70 -9.67 -19.42
N LYS B 210 -6.12 -9.97 -18.20
CA LYS B 210 -5.23 -9.89 -17.06
C LYS B 210 -4.11 -10.89 -17.26
N GLU B 211 -4.46 -12.10 -17.71
CA GLU B 211 -3.46 -13.15 -17.94
C GLU B 211 -2.42 -12.70 -18.95
N LEU B 212 -2.87 -12.06 -20.03
CA LEU B 212 -1.96 -11.60 -21.07
C LEU B 212 -1.02 -10.51 -20.58
N SER B 213 -1.56 -9.49 -19.94
CA SER B 213 -0.74 -8.39 -19.44
C SER B 213 0.38 -8.92 -18.54
N LEU B 214 0.03 -9.83 -17.64
CA LEU B 214 1.02 -10.40 -16.76
C LEU B 214 2.03 -11.17 -17.59
N TYR B 215 1.52 -11.92 -18.56
CA TYR B 215 2.36 -12.72 -19.46
C TYR B 215 3.34 -11.84 -20.23
N PHE B 216 2.82 -10.83 -20.92
CA PHE B 216 3.67 -9.94 -21.69
C PHE B 216 4.72 -9.27 -20.82
N LEU B 217 4.36 -8.99 -19.58
CA LEU B 217 5.30 -8.37 -18.67
C LEU B 217 6.47 -9.32 -18.48
N GLN B 218 6.17 -10.58 -18.16
CA GLN B 218 7.22 -11.59 -17.95
C GLN B 218 8.09 -11.71 -19.21
N GLU B 219 7.42 -11.83 -20.36
CA GLU B 219 8.08 -11.95 -21.66
C GLU B 219 9.02 -10.80 -21.97
N LEU B 220 8.55 -9.59 -21.73
CA LEU B 220 9.35 -8.40 -22.01
C LEU B 220 10.46 -8.08 -21.03
N GLY B 221 10.50 -8.74 -19.88
CA GLY B 221 11.58 -8.47 -18.95
C GLY B 221 11.28 -7.74 -17.65
N TYR B 222 10.00 -7.50 -17.37
CA TYR B 222 9.62 -6.83 -16.13
C TYR B 222 9.89 -7.81 -14.99
N ASP B 223 10.71 -7.40 -14.04
CA ASP B 223 11.07 -8.26 -12.90
C ASP B 223 9.96 -8.27 -11.84
N PHE B 224 9.23 -9.37 -11.72
CA PHE B 224 8.17 -9.42 -10.72
C PHE B 224 8.67 -9.53 -9.28
N ASP B 225 9.96 -9.80 -9.11
CA ASP B 225 10.52 -9.88 -7.77
C ASP B 225 10.72 -8.46 -7.26
N GLY B 226 10.79 -7.51 -8.19
CA GLY B 226 10.98 -6.12 -7.85
C GLY B 226 9.81 -5.26 -8.29
N GLY B 227 8.65 -5.88 -8.45
CA GLY B 227 7.48 -5.13 -8.88
C GLY B 227 6.19 -5.91 -8.74
N ARG B 228 5.12 -5.37 -9.31
CA ARG B 228 3.80 -5.98 -9.29
C ARG B 228 2.85 -5.24 -10.21
N LEU B 229 1.77 -5.91 -10.62
CA LEU B 229 0.76 -5.32 -11.48
C LEU B 229 -0.55 -5.21 -10.73
N ASP B 230 -1.24 -4.09 -10.88
CA ASP B 230 -2.53 -3.87 -10.22
C ASP B 230 -3.43 -3.01 -11.12
N GLU B 231 -4.73 -2.99 -10.84
CA GLU B 231 -5.67 -2.18 -11.64
C GLU B 231 -5.81 -0.73 -11.16
N THR B 232 -6.02 0.16 -12.11
CA THR B 232 -6.17 1.59 -11.80
C THR B 232 -6.97 2.29 -12.89
N VAL B 233 -7.55 3.43 -12.55
CA VAL B 233 -8.34 4.21 -13.47
C VAL B 233 -7.44 4.70 -14.58
N HIS B 234 -6.31 5.28 -14.20
CA HIS B 234 -5.36 5.80 -15.17
C HIS B 234 -4.01 5.15 -14.93
N PRO B 235 -3.60 4.23 -15.82
CA PRO B 235 -2.32 3.51 -15.70
C PRO B 235 -1.13 4.43 -15.45
N PHE B 236 -0.17 3.91 -14.70
CA PHE B 236 1.01 4.67 -14.37
C PHE B 236 2.03 3.69 -13.83
N ALA B 237 3.27 4.15 -13.72
CA ALA B 237 4.33 3.31 -13.18
C ALA B 237 5.02 4.16 -12.13
N THR B 238 5.21 3.58 -10.95
CA THR B 238 5.84 4.32 -9.88
C THR B 238 6.95 3.53 -9.23
N THR B 239 7.99 4.24 -8.81
CA THR B 239 9.12 3.65 -8.13
C THR B 239 9.07 3.96 -6.64
N LEU B 240 8.83 2.94 -5.80
CA LEU B 240 8.80 3.16 -4.36
C LEU B 240 10.25 3.21 -3.88
N ASN B 241 11.02 2.22 -4.32
CA ASN B 241 12.44 2.11 -4.01
C ASN B 241 13.02 1.22 -5.11
N ARG B 242 14.32 1.32 -5.35
CA ARG B 242 14.96 0.56 -6.43
C ARG B 242 14.50 -0.89 -6.58
N GLY B 243 14.14 -1.51 -5.47
CA GLY B 243 13.69 -2.89 -5.54
C GLY B 243 12.19 -3.03 -5.61
N ASP B 244 11.50 -1.91 -5.78
CA ASP B 244 10.05 -1.94 -5.83
C ASP B 244 9.55 -0.93 -6.85
N VAL B 245 9.39 -1.37 -8.09
CA VAL B 245 8.90 -0.51 -9.17
C VAL B 245 7.59 -1.13 -9.63
N ARG B 246 6.48 -0.47 -9.30
CA ARG B 246 5.18 -1.00 -9.65
C ARG B 246 4.54 -0.40 -10.89
N VAL B 247 3.76 -1.22 -11.58
CA VAL B 247 3.03 -0.81 -12.76
C VAL B 247 1.55 -1.15 -12.58
N THR B 248 0.70 -0.40 -13.26
CA THR B 248 -0.73 -0.62 -13.17
C THR B 248 -1.36 -0.45 -14.53
N THR B 249 -2.45 -1.15 -14.78
CA THR B 249 -3.14 -1.02 -16.04
C THR B 249 -4.65 -0.97 -15.89
N ARG B 250 -5.34 -0.88 -17.01
CA ARG B 250 -6.78 -0.76 -17.04
C ARG B 250 -7.32 -1.72 -18.09
N TYR B 251 -8.39 -2.44 -17.77
CA TYR B 251 -8.96 -3.36 -18.73
C TYR B 251 -10.26 -2.84 -19.30
N ASP B 252 -10.53 -3.22 -20.54
CA ASP B 252 -11.72 -2.81 -21.26
C ASP B 252 -12.07 -4.02 -22.10
N GLU B 253 -13.16 -4.66 -21.73
CA GLU B 253 -13.57 -5.86 -22.44
C GLU B 253 -13.99 -5.62 -23.89
N LYS B 254 -14.16 -4.36 -24.28
CA LYS B 254 -14.54 -4.05 -25.64
C LYS B 254 -13.37 -3.50 -26.43
N ASP B 255 -12.17 -3.70 -25.87
CA ASP B 255 -10.93 -3.28 -26.51
C ASP B 255 -9.68 -3.75 -25.74
N PHE B 256 -9.30 -5.00 -25.98
CA PHE B 256 -8.14 -5.63 -25.33
C PHE B 256 -6.88 -4.81 -25.55
N ARG B 257 -6.89 -3.97 -26.57
CA ARG B 257 -5.73 -3.15 -26.88
C ARG B 257 -5.33 -2.25 -25.72
N THR B 258 -6.31 -1.54 -25.16
CA THR B 258 -6.04 -0.62 -24.06
C THR B 258 -5.15 -1.20 -22.97
N ALA B 259 -5.47 -2.39 -22.50
CA ALA B 259 -4.68 -3.02 -21.46
C ALA B 259 -3.29 -3.39 -21.99
N ILE B 260 -3.25 -4.07 -23.14
CA ILE B 260 -1.98 -4.49 -23.76
C ILE B 260 -0.98 -3.35 -23.87
N PHE B 261 -1.29 -2.34 -24.67
CA PHE B 261 -0.38 -1.23 -24.86
C PHE B 261 -0.16 -0.37 -23.64
N GLY B 262 -1.14 -0.37 -22.73
CA GLY B 262 -0.98 0.40 -21.52
C GLY B 262 0.03 -0.32 -20.67
N THR B 263 -0.19 -1.63 -20.50
CA THR B 263 0.72 -2.44 -19.72
C THR B 263 2.10 -2.33 -20.31
N ILE B 264 2.23 -2.59 -21.61
CA ILE B 264 3.54 -2.52 -22.22
C ILE B 264 4.15 -1.13 -22.06
N HIS B 265 3.33 -0.08 -22.17
CA HIS B 265 3.83 1.28 -22.00
C HIS B 265 4.49 1.40 -20.62
N GLU B 266 3.74 1.03 -19.59
CA GLU B 266 4.22 1.09 -18.23
C GLU B 266 5.40 0.17 -18.03
N CYS B 267 5.37 -0.96 -18.71
CA CYS B 267 6.47 -1.91 -18.61
C CYS B 267 7.73 -1.20 -19.06
N GLY B 268 7.58 -0.26 -19.98
CA GLY B 268 8.72 0.50 -20.45
C GLY B 268 9.37 1.23 -19.30
N HIS B 269 8.64 2.13 -18.66
CA HIS B 269 9.15 2.89 -17.53
C HIS B 269 9.78 1.97 -16.49
N ALA B 270 9.05 0.93 -16.13
CA ALA B 270 9.53 -0.03 -15.15
C ALA B 270 10.92 -0.59 -15.50
N ILE B 271 11.06 -1.15 -16.71
CA ILE B 271 12.33 -1.73 -17.16
C ILE B 271 13.45 -0.72 -16.94
N TYR B 272 13.19 0.53 -17.31
CA TYR B 272 14.14 1.63 -17.16
C TYR B 272 14.56 1.72 -15.69
N GLU B 273 13.56 1.91 -14.82
CA GLU B 273 13.75 2.02 -13.39
C GLU B 273 14.40 0.80 -12.76
N GLN B 274 14.04 -0.38 -13.26
CA GLN B 274 14.61 -1.64 -12.74
C GLN B 274 16.00 -1.93 -13.29
N ASN B 275 16.61 -0.94 -13.92
CA ASN B 275 17.94 -1.13 -14.47
C ASN B 275 18.86 0.06 -14.32
N ILE B 276 18.43 1.07 -13.57
CA ILE B 276 19.28 2.21 -13.32
C ILE B 276 20.33 1.62 -12.39
N ASP B 277 21.58 1.98 -12.60
CA ASP B 277 22.67 1.47 -11.79
C ASP B 277 22.35 1.36 -10.32
N GLU B 278 22.55 0.18 -9.74
CA GLU B 278 22.26 -0.04 -8.32
C GLU B 278 23.17 0.79 -7.42
N ALA B 279 24.29 1.22 -7.96
CA ALA B 279 25.23 2.04 -7.19
C ALA B 279 24.59 3.37 -6.88
N LEU B 280 23.78 3.86 -7.80
CA LEU B 280 23.08 5.14 -7.63
C LEU B 280 21.90 5.04 -6.68
N SER B 281 21.48 3.81 -6.38
CA SER B 281 20.36 3.60 -5.49
C SER B 281 20.52 4.42 -4.21
N GLY B 282 19.39 4.78 -3.60
CA GLY B 282 19.44 5.57 -2.39
C GLY B 282 19.97 6.97 -2.58
N THR B 283 20.33 7.36 -3.80
CA THR B 283 20.84 8.70 -3.99
C THR B 283 20.03 9.61 -4.90
N ASN B 284 20.63 10.76 -5.13
CA ASN B 284 20.08 11.82 -5.94
C ASN B 284 19.99 11.47 -7.44
N LEU B 285 20.84 10.56 -7.89
CA LEU B 285 20.87 10.20 -9.30
C LEU B 285 20.17 8.91 -9.68
N SER B 286 19.44 8.29 -8.76
CA SER B 286 18.73 7.07 -9.09
C SER B 286 17.35 7.46 -9.57
N ASP B 287 17.29 7.93 -10.81
CA ASP B 287 16.04 8.42 -11.37
C ASP B 287 16.21 8.58 -12.87
N GLY B 288 15.10 8.71 -13.59
CA GLY B 288 15.20 8.87 -15.02
C GLY B 288 15.85 10.19 -15.36
N ALA B 289 16.64 10.23 -16.44
CA ALA B 289 17.32 11.45 -16.87
C ALA B 289 16.39 12.66 -17.03
N SER B 290 15.13 12.40 -17.35
CA SER B 290 14.11 13.44 -17.54
C SER B 290 12.87 12.74 -18.02
N MET B 291 11.71 13.37 -17.91
CA MET B 291 10.48 12.73 -18.37
C MET B 291 10.68 12.33 -19.82
N GLY B 292 11.23 13.24 -20.60
CA GLY B 292 11.50 12.97 -21.99
C GLY B 292 12.25 11.66 -22.21
N ILE B 293 13.38 11.49 -21.54
CA ILE B 293 14.10 10.24 -21.74
C ILE B 293 13.32 9.07 -21.15
N HIS B 294 12.53 9.34 -20.11
CA HIS B 294 11.75 8.29 -19.49
C HIS B 294 10.67 7.84 -20.46
N GLU B 295 10.03 8.81 -21.10
CA GLU B 295 8.98 8.51 -22.05
C GLU B 295 9.55 7.83 -23.31
N SER B 296 10.84 8.00 -23.55
CA SER B 296 11.46 7.38 -24.72
C SER B 296 11.53 5.88 -24.50
N GLN B 297 11.49 5.48 -23.23
CA GLN B 297 11.55 4.07 -22.88
C GLN B 297 10.19 3.41 -22.92
N SER B 298 9.19 4.10 -22.39
CA SER B 298 7.85 3.55 -22.40
C SER B 298 7.41 3.47 -23.86
N LEU B 299 7.63 4.56 -24.61
CA LEU B 299 7.23 4.56 -26.00
C LEU B 299 8.08 3.61 -26.85
N PHE B 300 9.32 3.37 -26.45
CA PHE B 300 10.12 2.44 -27.22
C PHE B 300 9.47 1.06 -27.13
N TYR B 301 9.06 0.68 -25.92
CA TYR B 301 8.43 -0.61 -25.77
C TYR B 301 7.05 -0.69 -26.37
N GLU B 302 6.16 0.23 -26.00
CA GLU B 302 4.82 0.21 -26.55
C GLU B 302 4.83 0.28 -28.08
N ASN B 303 5.45 1.32 -28.64
CA ASN B 303 5.49 1.50 -30.09
C ASN B 303 6.50 0.73 -30.90
N PHE B 304 7.78 0.87 -30.61
CA PHE B 304 8.77 0.18 -31.41
C PHE B 304 8.92 -1.31 -31.16
N ILE B 305 7.96 -1.90 -30.46
CA ILE B 305 7.99 -3.33 -30.22
C ILE B 305 6.56 -3.81 -30.27
N GLY B 306 5.75 -3.30 -29.34
CA GLY B 306 4.36 -3.70 -29.27
C GLY B 306 3.64 -3.46 -30.57
N ARG B 307 4.01 -2.40 -31.27
CA ARG B 307 3.37 -2.09 -32.54
C ARG B 307 4.17 -2.50 -33.76
N ASN B 308 5.08 -3.43 -33.57
CA ASN B 308 5.89 -3.93 -34.67
C ASN B 308 5.23 -5.29 -34.99
N LYS B 309 4.80 -5.46 -36.23
CA LYS B 309 4.10 -6.69 -36.63
C LYS B 309 4.81 -8.00 -36.35
N HIS B 310 6.13 -7.98 -36.25
CA HIS B 310 6.84 -9.22 -35.98
C HIS B 310 6.68 -9.59 -34.52
N PHE B 311 6.38 -8.58 -33.70
CA PHE B 311 6.18 -8.81 -32.27
C PHE B 311 4.97 -9.71 -32.08
N TRP B 312 4.04 -9.65 -33.03
CA TRP B 312 2.82 -10.44 -32.90
C TRP B 312 2.83 -11.84 -33.50
N THR B 313 3.84 -12.13 -34.29
CA THR B 313 3.92 -13.44 -34.91
C THR B 313 3.85 -14.58 -33.88
N PRO B 314 4.72 -14.54 -32.88
CA PRO B 314 4.71 -15.59 -31.87
C PRO B 314 3.57 -15.53 -30.87
N TYR B 315 3.08 -14.32 -30.62
CA TYR B 315 2.03 -14.15 -29.64
C TYR B 315 0.57 -14.23 -30.10
N TYR B 316 0.32 -13.98 -31.38
CA TYR B 316 -1.05 -14.03 -31.86
C TYR B 316 -1.75 -15.34 -31.55
N LYS B 317 -1.00 -16.43 -31.50
CA LYS B 317 -1.58 -17.73 -31.19
C LYS B 317 -2.29 -17.67 -29.84
N LYS B 318 -1.61 -17.06 -28.87
CA LYS B 318 -2.16 -16.92 -27.53
C LYS B 318 -3.41 -16.05 -27.57
N ILE B 319 -3.31 -14.86 -28.14
CA ILE B 319 -4.45 -13.96 -28.21
C ILE B 319 -5.67 -14.66 -28.76
N GLN B 320 -5.50 -15.42 -29.84
CA GLN B 320 -6.62 -16.13 -30.44
C GLN B 320 -7.24 -17.13 -29.49
N GLU B 321 -6.43 -17.78 -28.68
CA GLU B 321 -6.93 -18.78 -27.73
C GLU B 321 -7.60 -18.15 -26.51
N ALA B 322 -7.18 -16.95 -26.12
CA ALA B 322 -7.74 -16.28 -24.95
C ALA B 322 -9.20 -15.88 -25.21
N SER B 323 -9.46 -15.33 -26.39
CA SER B 323 -10.81 -14.93 -26.78
C SER B 323 -11.06 -15.49 -28.19
N PRO B 324 -11.26 -16.83 -28.28
CA PRO B 324 -11.51 -17.59 -29.51
C PRO B 324 -12.52 -17.05 -30.51
N VAL B 325 -13.80 -17.05 -30.13
CA VAL B 325 -14.87 -16.60 -30.99
C VAL B 325 -14.61 -15.24 -31.68
N GLN B 326 -13.78 -14.42 -31.05
CA GLN B 326 -13.46 -13.08 -31.55
C GLN B 326 -12.44 -13.04 -32.69
N PHE B 327 -11.34 -13.75 -32.54
CA PHE B 327 -10.31 -13.78 -33.57
C PHE B 327 -10.36 -15.03 -34.42
N LYS B 328 -11.45 -15.79 -34.30
CA LYS B 328 -11.58 -17.01 -35.07
C LYS B 328 -11.53 -16.71 -36.56
N ASP B 329 -10.57 -17.34 -37.22
CA ASP B 329 -10.37 -17.19 -38.65
C ASP B 329 -9.97 -15.78 -39.10
N ILE B 330 -9.31 -15.04 -38.21
CA ILE B 330 -8.81 -13.72 -38.55
C ILE B 330 -7.33 -13.96 -38.85
N SER B 331 -6.89 -13.48 -40.01
CA SER B 331 -5.52 -13.65 -40.42
C SER B 331 -4.56 -12.86 -39.57
N LEU B 332 -3.42 -13.47 -39.24
CA LEU B 332 -2.40 -12.78 -38.46
C LEU B 332 -2.17 -11.43 -39.12
N ASP B 333 -2.12 -11.46 -40.45
CA ASP B 333 -1.92 -10.25 -41.25
C ASP B 333 -3.02 -9.23 -41.00
N ASP B 334 -4.27 -9.68 -40.99
CA ASP B 334 -5.37 -8.77 -40.73
C ASP B 334 -5.26 -8.22 -39.30
N PHE B 335 -4.92 -9.10 -38.36
CA PHE B 335 -4.77 -8.72 -36.96
C PHE B 335 -3.87 -7.51 -36.80
N VAL B 336 -2.62 -7.63 -37.24
CA VAL B 336 -1.72 -6.52 -37.10
C VAL B 336 -2.22 -5.27 -37.82
N ARG B 337 -2.79 -5.44 -39.01
CA ARG B 337 -3.30 -4.28 -39.73
C ARG B 337 -4.39 -3.62 -38.90
N ALA B 338 -5.16 -4.43 -38.18
CA ALA B 338 -6.22 -3.91 -37.34
C ALA B 338 -5.62 -3.12 -36.17
N ILE B 339 -4.63 -3.71 -35.52
CA ILE B 339 -3.95 -3.08 -34.39
C ILE B 339 -3.43 -1.70 -34.78
N ASN B 340 -2.60 -1.65 -35.81
CA ASN B 340 -2.02 -0.40 -36.25
C ASN B 340 -2.88 0.50 -37.12
N GLU B 341 -4.20 0.39 -36.92
CA GLU B 341 -5.14 1.22 -37.65
C GLU B 341 -4.97 2.65 -37.19
N SER B 342 -4.73 3.54 -38.14
CA SER B 342 -4.56 4.94 -37.81
C SER B 342 -5.84 5.68 -38.17
N LYS B 343 -6.34 6.46 -37.22
CA LYS B 343 -7.56 7.22 -37.44
C LYS B 343 -7.67 8.16 -36.26
N PRO B 344 -8.12 9.39 -36.48
CA PRO B 344 -8.23 10.32 -35.36
C PRO B 344 -9.23 9.85 -34.30
N SER B 345 -8.81 9.88 -33.04
CA SER B 345 -9.65 9.48 -31.91
C SER B 345 -9.47 10.43 -30.73
N PHE B 346 -10.39 10.35 -29.76
CA PHE B 346 -10.38 11.24 -28.59
C PHE B 346 -9.39 10.98 -27.48
N ILE B 347 -9.01 9.73 -27.27
CA ILE B 347 -8.11 9.42 -26.17
C ILE B 347 -6.65 9.25 -26.55
N ARG B 348 -5.81 10.13 -26.00
CA ARG B 348 -4.37 10.12 -26.24
C ARG B 348 -3.79 8.76 -25.93
N VAL B 349 -3.99 8.32 -24.71
CA VAL B 349 -3.51 7.03 -24.24
C VAL B 349 -3.85 5.84 -25.15
N GLU B 350 -4.94 5.95 -25.92
CA GLU B 350 -5.36 4.85 -26.79
C GLU B 350 -5.21 5.16 -28.29
N ALA B 351 -4.67 6.34 -28.62
CA ALA B 351 -4.49 6.76 -30.01
C ALA B 351 -3.47 5.93 -30.76
N ASP B 352 -3.53 6.00 -32.08
CA ASP B 352 -2.60 5.28 -32.94
C ASP B 352 -1.28 6.04 -32.97
N GLU B 353 -0.26 5.42 -33.54
CA GLU B 353 1.07 6.02 -33.63
C GLU B 353 1.13 7.30 -34.44
N LEU B 354 0.33 7.36 -35.51
CA LEU B 354 0.34 8.54 -36.37
C LEU B 354 -0.35 9.75 -35.78
N THR B 355 -1.53 9.54 -35.21
CA THR B 355 -2.27 10.67 -34.64
C THR B 355 -1.79 11.07 -33.24
N TYR B 356 -1.05 10.19 -32.58
CA TYR B 356 -0.57 10.46 -31.22
C TYR B 356 0.11 11.82 -30.99
N PRO B 357 1.13 12.18 -31.77
CA PRO B 357 1.81 13.47 -31.58
C PRO B 357 0.88 14.68 -31.49
N LEU B 358 -0.16 14.69 -32.31
CA LEU B 358 -1.12 15.79 -32.35
C LEU B 358 -1.70 16.05 -30.97
N HIS B 359 -1.96 14.97 -30.23
CA HIS B 359 -2.52 15.06 -28.87
C HIS B 359 -1.57 15.84 -27.96
N ILE B 360 -0.29 15.52 -28.05
CA ILE B 360 0.69 16.21 -27.24
C ILE B 360 0.64 17.67 -27.64
N ILE B 361 0.68 17.94 -28.93
CA ILE B 361 0.63 19.32 -29.42
C ILE B 361 -0.57 20.09 -28.85
N ILE B 362 -1.75 19.46 -28.87
CA ILE B 362 -2.96 20.08 -28.34
C ILE B 362 -2.75 20.49 -26.90
N ARG B 363 -2.28 19.56 -26.09
CA ARG B 363 -2.03 19.84 -24.67
C ARG B 363 -0.97 20.91 -24.49
N TYR B 364 0.09 20.84 -25.28
CA TYR B 364 1.16 21.82 -25.21
C TYR B 364 0.63 23.23 -25.38
N GLU B 365 -0.17 23.44 -26.42
CA GLU B 365 -0.71 24.74 -26.71
C GLU B 365 -1.71 25.23 -25.69
N ILE B 366 -2.59 24.34 -25.24
CA ILE B 366 -3.56 24.75 -24.23
C ILE B 366 -2.79 25.23 -22.99
N GLU B 367 -1.77 24.47 -22.59
CA GLU B 367 -0.99 24.88 -21.43
C GLU B 367 -0.24 26.16 -21.69
N LYS B 368 0.29 26.31 -22.91
CA LYS B 368 1.01 27.52 -23.26
C LYS B 368 0.09 28.70 -23.04
N ALA B 369 -1.20 28.49 -23.27
CA ALA B 369 -2.20 29.53 -23.08
C ALA B 369 -2.47 29.76 -21.59
N ILE B 370 -2.87 28.71 -20.88
CA ILE B 370 -3.18 28.79 -19.46
C ILE B 370 -2.13 29.57 -18.67
N PHE B 371 -0.87 29.50 -19.09
CA PHE B 371 0.13 30.19 -18.31
C PHE B 371 0.61 31.52 -18.81
N SER B 372 0.00 31.99 -19.90
CA SER B 372 0.32 33.31 -20.42
C SER B 372 -1.00 34.08 -20.30
N ASN B 373 -1.78 33.66 -19.31
CA ASN B 373 -3.08 34.23 -18.94
C ASN B 373 -4.05 34.46 -20.08
N GLU B 374 -4.05 33.58 -21.07
CA GLU B 374 -4.94 33.75 -22.21
C GLU B 374 -6.25 32.99 -22.09
N VAL B 375 -6.37 32.11 -21.09
CA VAL B 375 -7.59 31.33 -20.93
C VAL B 375 -7.97 31.07 -19.47
N SER B 376 -9.28 31.05 -19.19
CA SER B 376 -9.77 30.82 -17.83
C SER B 376 -10.20 29.37 -17.68
N VAL B 377 -10.22 28.87 -16.45
CA VAL B 377 -10.62 27.49 -16.20
C VAL B 377 -11.97 27.22 -16.84
N GLU B 378 -12.83 28.22 -16.81
CA GLU B 378 -14.16 28.07 -17.37
C GLU B 378 -14.19 27.81 -18.88
N ASP B 379 -13.29 28.46 -19.62
CA ASP B 379 -13.25 28.28 -21.07
C ASP B 379 -12.31 27.19 -21.54
N LEU B 380 -11.70 26.47 -20.61
CA LEU B 380 -10.79 25.41 -20.99
C LEU B 380 -11.47 24.29 -21.79
N PRO B 381 -12.59 23.76 -21.30
CA PRO B 381 -13.23 22.69 -22.08
C PRO B 381 -13.50 23.12 -23.53
N SER B 382 -13.99 24.33 -23.71
CA SER B 382 -14.29 24.86 -25.02
C SER B 382 -12.99 24.96 -25.84
N LEU B 383 -11.93 25.44 -25.21
CA LEU B 383 -10.64 25.58 -25.89
C LEU B 383 -10.11 24.19 -26.23
N TRP B 384 -10.24 23.27 -25.28
CA TRP B 384 -9.79 21.90 -25.47
C TRP B 384 -10.47 21.33 -26.70
N ASN B 385 -11.80 21.28 -26.66
CA ASN B 385 -12.59 20.75 -27.76
C ASN B 385 -12.26 21.38 -29.11
N GLN B 386 -12.01 22.69 -29.11
CA GLN B 386 -11.69 23.37 -30.35
C GLN B 386 -10.40 22.83 -30.96
N LYS B 387 -9.35 22.68 -30.15
CA LYS B 387 -8.06 22.17 -30.61
C LYS B 387 -8.18 20.78 -31.22
N TYR B 388 -8.94 19.90 -30.57
CA TYR B 388 -9.09 18.54 -31.10
C TYR B 388 -9.72 18.58 -32.48
N GLN B 389 -10.50 19.61 -32.75
CA GLN B 389 -11.18 19.77 -34.02
C GLN B 389 -10.20 20.30 -35.07
N ASP B 390 -9.39 21.26 -34.65
CA ASP B 390 -8.38 21.87 -35.51
C ASP B 390 -7.36 20.87 -36.01
N TYR B 391 -6.91 19.98 -35.13
CA TYR B 391 -5.89 19.00 -35.49
C TYR B 391 -6.38 17.59 -35.81
N LEU B 392 -7.54 17.21 -35.28
CA LEU B 392 -8.06 15.87 -35.54
C LEU B 392 -9.43 15.82 -36.20
N GLY B 393 -10.04 16.99 -36.38
CA GLY B 393 -11.34 17.05 -37.03
C GLY B 393 -12.47 16.38 -36.29
N ILE B 394 -12.28 16.16 -35.00
CA ILE B 394 -13.31 15.53 -34.18
C ILE B 394 -13.48 16.39 -32.94
N THR B 395 -14.68 16.33 -32.34
CA THR B 395 -14.98 17.12 -31.15
C THR B 395 -15.46 16.25 -30.00
N PRO B 396 -14.81 16.36 -28.83
CA PRO B 396 -15.19 15.58 -27.65
C PRO B 396 -16.64 15.87 -27.24
N GLN B 397 -17.44 14.83 -27.09
CA GLN B 397 -18.84 14.97 -26.71
C GLN B 397 -19.09 14.86 -25.21
N THR B 398 -18.16 14.23 -24.51
CA THR B 398 -18.28 14.05 -23.07
C THR B 398 -17.00 14.55 -22.37
N ASP B 399 -17.13 14.90 -21.09
CA ASP B 399 -15.98 15.40 -20.35
C ASP B 399 -14.92 14.33 -20.14
N ALA B 400 -15.37 13.09 -20.01
CA ALA B 400 -14.50 11.94 -19.80
C ALA B 400 -13.53 11.70 -20.95
N GLU B 401 -13.96 11.95 -22.18
CA GLU B 401 -13.11 11.76 -23.34
C GLU B 401 -12.52 13.09 -23.77
N GLY B 402 -12.92 14.14 -23.05
CA GLY B 402 -12.42 15.45 -23.34
C GLY B 402 -11.32 15.86 -22.39
N ILE B 403 -11.40 17.09 -21.90
CA ILE B 403 -10.42 17.65 -20.98
C ILE B 403 -10.10 16.77 -19.76
N LEU B 404 -11.08 16.05 -19.23
CA LEU B 404 -10.87 15.19 -18.04
C LEU B 404 -10.09 13.90 -18.30
N GLN B 405 -9.90 13.58 -19.58
CA GLN B 405 -9.20 12.40 -20.04
C GLN B 405 -7.95 11.96 -19.28
N ASP B 406 -6.96 12.87 -19.12
CA ASP B 406 -5.69 12.57 -18.43
C ASP B 406 -5.60 13.11 -17.00
N VAL B 407 -4.81 12.42 -16.18
CA VAL B 407 -4.61 12.79 -14.76
C VAL B 407 -3.50 13.82 -14.49
N HIS B 408 -2.67 14.09 -15.49
CA HIS B 408 -1.57 15.01 -15.33
C HIS B 408 -1.86 16.34 -14.65
N TRP B 409 -2.92 17.03 -15.04
CA TRP B 409 -3.21 18.29 -14.39
C TRP B 409 -3.63 18.10 -12.93
N ALA B 410 -4.50 17.11 -12.70
CA ALA B 410 -4.98 16.81 -11.35
C ALA B 410 -3.82 16.60 -10.39
N GLY B 411 -2.72 16.06 -10.89
CA GLY B 411 -1.57 15.83 -10.04
C GLY B 411 -0.65 17.04 -9.98
N GLY B 412 -1.02 18.10 -10.69
CA GLY B 412 -0.22 19.32 -10.71
C GLY B 412 0.93 19.32 -11.72
N ASP B 413 0.96 18.29 -12.57
CA ASP B 413 2.02 18.16 -13.58
C ASP B 413 1.83 19.01 -14.83
N PHE B 414 2.09 20.30 -14.71
CA PHE B 414 1.97 21.19 -15.86
C PHE B 414 3.35 21.31 -16.47
N GLY B 415 3.40 21.32 -17.81
CA GLY B 415 4.66 21.42 -18.50
C GLY B 415 5.25 20.04 -18.76
N TYR B 416 4.50 19.03 -18.35
CA TYR B 416 4.92 17.65 -18.50
C TYR B 416 4.73 17.13 -19.92
N PHE B 417 3.48 17.13 -20.37
CA PHE B 417 3.09 16.64 -21.69
C PHE B 417 4.07 16.73 -22.87
N PRO B 418 4.73 17.89 -23.06
CA PRO B 418 5.64 17.89 -24.21
C PRO B 418 6.67 16.76 -24.18
N SER B 419 7.01 16.28 -22.98
CA SER B 419 7.97 15.20 -22.86
C SER B 419 7.53 13.93 -23.58
N TYR B 420 6.25 13.78 -23.86
CA TYR B 420 5.80 12.60 -24.57
C TYR B 420 6.25 12.75 -26.02
N ALA B 421 6.11 13.96 -26.54
CA ALA B 421 6.52 14.24 -27.92
C ALA B 421 8.00 13.97 -28.04
N LEU B 422 8.79 14.66 -27.23
CA LEU B 422 10.23 14.48 -27.25
C LEU B 422 10.55 12.99 -27.09
N GLY B 423 9.96 12.38 -26.07
CA GLY B 423 10.20 10.97 -25.82
C GLY B 423 9.97 10.12 -27.05
N TYR B 424 8.94 10.47 -27.82
CA TYR B 424 8.64 9.71 -29.03
C TYR B 424 9.79 9.93 -30.03
N MET B 425 10.29 11.16 -30.11
CA MET B 425 11.40 11.46 -31.01
C MET B 425 12.65 10.69 -30.60
N TYR B 426 12.96 10.70 -29.31
CA TYR B 426 14.14 9.98 -28.80
C TYR B 426 14.03 8.49 -29.15
N ALA B 427 12.84 7.94 -28.99
CA ALA B 427 12.62 6.53 -29.26
C ALA B 427 12.91 6.23 -30.72
N ALA B 428 12.42 7.11 -31.60
CA ALA B 428 12.62 6.94 -33.03
C ALA B 428 14.12 6.94 -33.35
N GLN B 429 14.85 7.89 -32.77
CA GLN B 429 16.28 8.00 -33.01
C GLN B 429 17.04 6.82 -32.41
N LEU B 430 16.65 6.38 -31.21
CA LEU B 430 17.32 5.24 -30.59
C LEU B 430 17.08 3.98 -31.41
N LYS B 431 15.86 3.80 -31.88
CA LYS B 431 15.50 2.63 -32.67
C LYS B 431 16.36 2.43 -33.91
N GLN B 432 16.48 3.46 -34.73
CA GLN B 432 17.27 3.34 -35.95
C GLN B 432 18.73 3.04 -35.66
N LYS B 433 19.30 3.79 -34.72
CA LYS B 433 20.70 3.59 -34.37
C LYS B 433 20.92 2.20 -33.80
N MET B 434 19.88 1.66 -33.20
CA MET B 434 19.97 0.33 -32.61
C MET B 434 20.08 -0.72 -33.72
N LEU B 435 19.54 -0.41 -34.90
CA LEU B 435 19.59 -1.36 -36.00
C LEU B 435 21.00 -1.73 -36.42
N GLU B 436 21.92 -0.78 -36.32
CA GLU B 436 23.30 -1.02 -36.66
C GLU B 436 23.83 -2.21 -35.86
N ASP B 437 23.60 -2.19 -34.55
CA ASP B 437 24.06 -3.25 -33.65
C ASP B 437 23.13 -4.47 -33.64
N LEU B 438 21.85 -4.25 -33.90
CA LEU B 438 20.88 -5.35 -33.92
C LEU B 438 20.01 -5.34 -35.18
N PRO B 439 20.63 -5.62 -36.35
CA PRO B 439 19.91 -5.67 -37.63
C PRO B 439 18.78 -6.69 -37.57
N GLU B 440 19.04 -7.76 -36.84
CA GLU B 440 18.08 -8.85 -36.69
C GLU B 440 16.94 -8.48 -35.72
N PHE B 441 16.71 -7.18 -35.53
CA PHE B 441 15.66 -6.72 -34.64
C PHE B 441 14.34 -7.46 -34.83
N ASP B 442 13.71 -7.27 -35.99
CA ASP B 442 12.43 -7.91 -36.25
C ASP B 442 12.53 -9.42 -36.05
N ALA B 443 13.72 -9.97 -36.28
CA ALA B 443 13.92 -11.42 -36.12
C ALA B 443 13.79 -11.80 -34.65
N LEU B 444 14.36 -10.97 -33.80
CA LEU B 444 14.33 -11.21 -32.35
C LEU B 444 12.89 -11.26 -31.86
N LEU B 445 12.09 -10.27 -32.25
CA LEU B 445 10.70 -10.22 -31.84
C LEU B 445 9.96 -11.50 -32.22
N GLU B 446 10.23 -12.00 -33.41
CA GLU B 446 9.57 -13.23 -33.88
C GLU B 446 9.97 -14.44 -33.06
N ARG B 447 11.17 -14.38 -32.49
CA ARG B 447 11.69 -15.47 -31.67
C ARG B 447 11.33 -15.22 -30.20
N GLY B 448 10.63 -14.13 -29.94
CA GLY B 448 10.26 -13.82 -28.57
C GLY B 448 11.49 -13.66 -27.70
N GLU B 449 12.55 -13.09 -28.28
CA GLU B 449 13.82 -12.86 -27.60
C GLU B 449 14.04 -11.35 -27.39
N PHE B 450 13.92 -10.90 -26.14
CA PHE B 450 14.05 -9.47 -25.86
C PHE B 450 15.26 -8.96 -25.08
N HIS B 451 16.12 -9.85 -24.58
CA HIS B 451 17.28 -9.40 -23.81
C HIS B 451 18.29 -8.60 -24.62
N PRO B 452 18.44 -8.90 -25.92
CA PRO B 452 19.40 -8.12 -26.70
C PRO B 452 18.95 -6.65 -26.73
N ILE B 453 17.67 -6.46 -27.01
CA ILE B 453 17.09 -5.13 -27.09
C ILE B 453 17.19 -4.42 -25.73
N LYS B 454 16.72 -5.12 -24.69
CA LYS B 454 16.74 -4.59 -23.34
C LYS B 454 18.18 -4.20 -22.96
N GLN B 455 19.13 -5.10 -23.20
CA GLN B 455 20.51 -4.79 -22.87
C GLN B 455 20.99 -3.56 -23.61
N TRP B 456 20.60 -3.41 -24.88
CA TRP B 456 21.03 -2.24 -25.65
C TRP B 456 20.59 -0.97 -24.95
N LEU B 457 19.33 -0.96 -24.51
CA LEU B 457 18.78 0.20 -23.84
C LEU B 457 19.38 0.43 -22.45
N THR B 458 19.67 -0.65 -21.73
CA THR B 458 20.23 -0.52 -20.40
C THR B 458 21.60 0.16 -20.41
N GLU B 459 22.41 -0.12 -21.41
CA GLU B 459 23.76 0.44 -21.50
C GLU B 459 23.79 1.82 -22.12
N LYS B 460 22.79 2.12 -22.94
CA LYS B 460 22.71 3.41 -23.59
C LYS B 460 21.92 4.43 -22.78
N VAL B 461 20.91 3.96 -22.05
CA VAL B 461 20.07 4.85 -21.26
C VAL B 461 19.90 4.48 -19.78
N HIS B 462 19.22 3.35 -19.54
CA HIS B 462 18.96 2.89 -18.18
C HIS B 462 20.04 3.13 -17.13
N ILE B 463 21.05 2.27 -17.15
CA ILE B 463 22.16 2.32 -16.20
C ILE B 463 22.63 3.72 -15.76
N HIS B 464 22.75 4.65 -16.69
CA HIS B 464 23.22 5.99 -16.35
C HIS B 464 22.37 6.74 -15.33
N GLY B 465 21.08 6.46 -15.29
CA GLY B 465 20.24 7.19 -14.36
C GLY B 465 20.42 8.67 -14.64
N LYS B 466 20.77 9.45 -13.63
CA LYS B 466 20.97 10.88 -13.84
C LYS B 466 22.44 11.28 -13.95
N ARG B 467 23.28 10.34 -14.34
CA ARG B 467 24.71 10.60 -14.51
C ARG B 467 24.95 11.37 -15.80
N LYS B 468 23.93 11.42 -16.66
CA LYS B 468 24.04 12.15 -17.92
C LYS B 468 22.75 12.89 -18.11
N LYS B 469 22.81 13.99 -18.85
CA LYS B 469 21.61 14.75 -19.13
C LYS B 469 21.07 14.25 -20.47
N PRO B 470 19.76 14.43 -20.71
CA PRO B 470 19.18 13.97 -21.97
C PRO B 470 20.06 14.18 -23.21
N LEU B 471 20.54 15.40 -23.42
CA LEU B 471 21.40 15.71 -24.56
C LEU B 471 22.58 14.73 -24.73
N ASP B 472 23.28 14.46 -23.64
CA ASP B 472 24.43 13.56 -23.66
C ASP B 472 23.98 12.13 -23.82
N ILE B 473 22.81 11.82 -23.27
CA ILE B 473 22.26 10.47 -23.37
C ILE B 473 22.09 10.10 -24.85
N ILE B 474 21.41 10.98 -25.58
CA ILE B 474 21.13 10.74 -26.98
C ILE B 474 22.34 10.91 -27.89
N LYS B 475 23.14 11.94 -27.65
CA LYS B 475 24.31 12.15 -28.48
C LYS B 475 25.24 10.97 -28.33
N ASP B 476 25.48 10.53 -27.10
CA ASP B 476 26.36 9.39 -26.86
C ASP B 476 25.86 8.08 -27.48
N ALA B 477 24.55 7.87 -27.46
CA ALA B 477 23.93 6.64 -27.97
C ALA B 477 23.80 6.56 -29.49
N THR B 478 23.50 7.70 -30.12
CA THR B 478 23.35 7.71 -31.56
C THR B 478 24.39 8.63 -32.21
N GLY B 479 25.13 9.36 -31.39
CA GLY B 479 26.15 10.27 -31.90
C GLY B 479 25.63 11.41 -32.74
N GLU B 480 24.48 11.95 -32.34
CA GLU B 480 23.78 13.04 -33.01
C GLU B 480 22.68 13.55 -32.06
N GLU B 481 22.57 14.87 -31.91
CA GLU B 481 21.56 15.41 -31.01
C GLU B 481 20.16 15.07 -31.45
N LEU B 482 19.19 15.27 -30.56
CA LEU B 482 17.79 14.96 -30.87
C LEU B 482 17.40 15.57 -32.21
N ASN B 483 16.99 14.71 -33.14
CA ASN B 483 16.60 15.13 -34.48
C ASN B 483 15.25 14.52 -34.83
N VAL B 484 14.27 15.37 -35.09
CA VAL B 484 12.92 14.92 -35.41
C VAL B 484 12.78 14.05 -36.64
N ARG B 485 13.61 14.31 -37.66
CA ARG B 485 13.53 13.56 -38.90
C ARG B 485 13.22 12.08 -38.68
N TYR B 486 13.89 11.46 -37.71
CA TYR B 486 13.69 10.04 -37.43
C TYR B 486 12.26 9.63 -37.16
N LEU B 487 11.60 10.34 -36.24
CA LEU B 487 10.20 10.05 -35.92
C LEU B 487 9.34 10.24 -37.16
N ILE B 488 9.55 11.36 -37.84
CA ILE B 488 8.81 11.68 -39.05
C ILE B 488 9.01 10.60 -40.11
N ASP B 489 10.24 10.12 -40.26
CA ASP B 489 10.50 9.08 -41.25
C ASP B 489 9.82 7.79 -40.84
N TYR B 490 10.01 7.38 -39.57
CA TYR B 490 9.41 6.16 -39.06
C TYR B 490 7.91 6.14 -39.35
N LEU B 491 7.23 7.16 -38.84
CA LEU B 491 5.80 7.31 -39.02
C LEU B 491 5.39 7.33 -40.48
N SER B 492 5.98 8.26 -41.21
CA SER B 492 5.71 8.43 -42.62
C SER B 492 5.82 7.12 -43.37
N ASN B 493 7.01 6.52 -43.32
CA ASN B 493 7.26 5.26 -44.00
C ASN B 493 6.30 4.14 -43.59
N LYS B 494 5.99 4.08 -42.31
CA LYS B 494 5.11 3.03 -41.80
C LYS B 494 3.64 3.18 -42.17
N TYR B 495 3.13 4.40 -42.24
CA TYR B 495 1.73 4.58 -42.58
C TYR B 495 1.47 4.94 -44.04
N SER B 496 2.49 4.79 -44.87
CA SER B 496 2.35 5.03 -46.29
C SER B 496 2.22 3.65 -46.91
N ASN B 497 2.76 2.65 -46.22
CA ASN B 497 2.72 1.27 -46.69
C ASN B 497 1.44 0.56 -46.30
N LEU B 498 0.92 0.87 -45.12
CA LEU B 498 -0.30 0.23 -44.62
C LEU B 498 -1.53 0.71 -45.37
N TYR B 499 -1.51 1.98 -45.78
CA TYR B 499 -2.62 2.56 -46.51
C TYR B 499 -2.27 2.74 -47.99
N LEU B 500 -1.61 3.85 -48.31
CA LEU B 500 -1.20 4.14 -49.68
C LEU B 500 -0.64 2.86 -50.31
#